data_8S00
#
_entry.id   8S00
#
_cell.length_a   72.987
_cell.length_b   121.761
_cell.length_c   143.092
_cell.angle_alpha   90.000
_cell.angle_beta   90.000
_cell.angle_gamma   90.000
#
_symmetry.space_group_name_H-M   'P 2 21 21'
#
loop_
_entity.id
_entity.type
_entity.pdbx_description
1 polymer 'Lysine--tRNA ligase'
2 non-polymer LYSINE
3 non-polymer 6-oxidanyl-~{N}-[(1-oxidanylcyclohexyl)methyl]-4-oxidanylidene-chromene-2-carboxamide
4 non-polymer 2-AMINO-2-HYDROXYMETHYL-PROPANE-1,3-DIOL
5 non-polymer GLYCEROL
6 water water
#
_entity_poly.entity_id   1
_entity_poly.type   'polypeptide(L)'
_entity_poly.pdbx_seq_one_letter_code
;MAHHHHHHMGTLEAQTQGPGSHYTDNRYKMMECIKDAGRPFYPHKFKISMSLPAYALKYGNVENGYIDKDTTLSLSGRVT
SIRSSSSKLIFYDIFCEEQKVQIIANIMEHDISTGEFSVSHSEIRRGDVVGFTGFPGKSKRGELSLFSKSVVLLSPCYHM
LPTAISGLKDQEVRYRQRYLDLMLNEESRKVFKLRSRAIKYIRNYFDRLGFLEVETPMLNMIYGGAAARPFITYHNELET
QLYMRIAPELYLKQLIVGGLDKVYEIGKNFRNEGIDLTHNPEFTAMEFYMAYADYYDLMDLTEELISGLVLEIHGSLKIP
YHPDGPEGKCIEIDFTTPWKRFSFVEEIESGLGEKLKRPLDSQENIDFMVEMCEKHEIELPHPRTAAKLLDKLAGHFVET
KCTNPSFIIDHPQTMSPLAKWHREKPEMTERFELFVLGKELCNAYTELNEPLQQRKFFEQQADAKASGDVEACPIDETFC
LALEHGLPPTGGWGLGIDRLIMFLADKNNIKEVILFPAMRNVKQNAQHSNQHSGN
;
_entity_poly.pdbx_strand_id   A,B
#
loop_
_chem_comp.id
_chem_comp.type
_chem_comp.name
_chem_comp.formula
A1H4W non-polymer 6-oxidanyl-~{N}-[(1-oxidanylcyclohexyl)methyl]-4-oxidanylidene-chromene-2-carboxamide 'C17 H19 N O5'
GOL non-polymer GLYCEROL 'C3 H8 O3'
TRS non-polymer 2-AMINO-2-HYDROXYMETHYL-PROPANE-1,3-DIOL 'C4 H12 N O3 1'
#
# COMPACT_ATOMS: atom_id res chain seq x y z
N GLY A 20 9.97 4.17 39.88
CA GLY A 20 9.55 4.56 38.52
C GLY A 20 10.76 5.00 37.70
N SER A 21 11.24 6.21 38.00
CA SER A 21 12.48 6.70 37.42
C SER A 21 13.66 5.87 37.91
N HIS A 22 13.60 5.43 39.18
CA HIS A 22 14.68 4.71 39.83
C HIS A 22 14.80 3.29 39.26
N TYR A 23 13.65 2.67 38.95
CA TYR A 23 13.64 1.32 38.38
C TYR A 23 14.43 1.28 37.07
N THR A 24 14.24 2.32 36.24
CA THR A 24 14.88 2.38 34.93
C THR A 24 16.40 2.49 35.10
N ASP A 25 16.87 3.38 35.98
CA ASP A 25 18.30 3.60 36.19
C ASP A 25 18.97 2.35 36.72
N ASN A 26 18.34 1.72 37.73
CA ASN A 26 18.82 0.48 38.29
C ASN A 26 18.96 -0.58 37.21
N ARG A 27 17.98 -0.63 36.29
CA ARG A 27 18.01 -1.70 35.31
C ARG A 27 19.21 -1.48 34.38
N TYR A 28 19.48 -0.23 34.02
CA TYR A 28 20.65 0.10 33.20
C TYR A 28 21.93 -0.33 33.92
N LYS A 29 21.94 -0.15 35.25
CA LYS A 29 23.07 -0.52 36.08
C LYS A 29 23.22 -2.04 36.14
N MET A 30 22.10 -2.76 36.27
CA MET A 30 22.15 -4.22 36.24
C MET A 30 22.80 -4.67 34.93
N MET A 31 22.39 -4.07 33.82
CA MET A 31 22.84 -4.56 32.55
C MET A 31 24.34 -4.27 32.38
N GLU A 32 24.80 -3.11 32.87
CA GLU A 32 26.23 -2.81 32.85
C GLU A 32 27.01 -3.85 33.68
N CYS A 33 26.49 -4.19 34.87
CA CYS A 33 27.09 -5.20 35.72
CA CYS A 33 27.10 -5.19 35.72
C CYS A 33 27.18 -6.53 35.00
N ILE A 34 26.05 -6.99 34.45
CA ILE A 34 26.00 -8.25 33.72
C ILE A 34 27.11 -8.27 32.67
N LYS A 35 27.25 -7.17 31.91
CA LYS A 35 28.22 -7.09 30.83
C LYS A 35 29.65 -7.16 31.37
N ASP A 36 29.91 -6.43 32.46
CA ASP A 36 31.23 -6.40 33.07
C ASP A 36 31.57 -7.78 33.59
N ALA A 37 30.57 -8.52 34.09
CA ALA A 37 30.78 -9.82 34.69
C ALA A 37 30.92 -10.91 33.62
N GLY A 38 30.81 -10.55 32.34
CA GLY A 38 30.86 -11.52 31.25
C GLY A 38 29.65 -12.47 31.25
N ARG A 39 28.55 -12.09 31.92
CA ARG A 39 27.34 -12.87 31.84
C ARG A 39 26.61 -12.53 30.55
N PRO A 40 25.62 -13.35 30.12
CA PRO A 40 24.88 -13.09 28.89
C PRO A 40 24.27 -11.69 28.79
N PHE A 41 24.67 -10.97 27.72
CA PHE A 41 24.28 -9.59 27.48
C PHE A 41 23.74 -9.49 26.06
N TYR A 42 22.41 -9.45 25.92
CA TYR A 42 21.78 -9.32 24.61
C TYR A 42 22.32 -10.34 23.62
N PRO A 43 22.12 -11.65 23.87
CA PRO A 43 22.51 -12.67 22.89
C PRO A 43 21.93 -12.37 21.52
N HIS A 44 22.71 -12.69 20.48
CA HIS A 44 22.37 -12.40 19.10
C HIS A 44 21.25 -13.33 18.63
N LYS A 45 21.38 -14.62 18.96
CA LYS A 45 20.50 -15.63 18.42
C LYS A 45 20.11 -16.59 19.54
N PHE A 46 18.79 -16.79 19.70
CA PHE A 46 18.26 -17.83 20.55
C PHE A 46 17.45 -18.74 19.64
N LYS A 47 17.85 -20.02 19.62
CA LYS A 47 17.25 -20.99 18.73
C LYS A 47 16.17 -21.72 19.50
N ILE A 48 14.91 -21.34 19.27
CA ILE A 48 13.80 -22.04 19.89
C ILE A 48 13.69 -23.43 19.27
N SER A 49 13.22 -24.40 20.05
CA SER A 49 12.90 -25.73 19.55
C SER A 49 11.60 -25.68 18.77
N MET A 50 10.66 -24.85 19.22
CA MET A 50 9.37 -24.71 18.57
C MET A 50 8.69 -23.49 19.18
N SER A 51 7.65 -22.99 18.52
CA SER A 51 6.86 -21.89 19.05
C SER A 51 6.06 -22.35 20.25
N LEU A 52 5.53 -21.38 21.00
CA LEU A 52 4.72 -21.75 22.15
C LEU A 52 3.42 -22.41 21.68
N PRO A 53 2.75 -21.93 20.61
CA PRO A 53 1.55 -22.62 20.10
C PRO A 53 1.83 -24.07 19.71
N ALA A 54 3.00 -24.30 19.11
CA ALA A 54 3.35 -25.65 18.68
C ALA A 54 3.59 -26.50 19.90
N TYR A 55 4.13 -25.88 20.95
CA TYR A 55 4.40 -26.58 22.20
C TYR A 55 3.10 -27.05 22.85
N ALA A 56 2.14 -26.13 22.97
CA ALA A 56 0.82 -26.40 23.50
C ALA A 56 0.14 -27.51 22.69
N LEU A 57 0.26 -27.45 21.37
CA LEU A 57 -0.36 -28.44 20.52
C LEU A 57 0.26 -29.82 20.80
N LYS A 58 1.58 -29.87 21.02
CA LYS A 58 2.23 -31.16 21.20
C LYS A 58 2.02 -31.73 22.61
N TYR A 59 2.06 -30.87 23.64
CA TYR A 59 2.08 -31.36 25.03
C TYR A 59 0.82 -31.01 25.82
N GLY A 60 -0.15 -30.33 25.22
CA GLY A 60 -1.29 -29.82 25.96
C GLY A 60 -2.21 -30.93 26.46
N ASN A 61 -2.07 -32.15 25.95
CA ASN A 61 -3.02 -33.21 26.26
C ASN A 61 -2.35 -34.35 27.02
N VAL A 62 -1.15 -34.15 27.56
CA VAL A 62 -0.50 -35.18 28.35
C VAL A 62 -1.19 -35.22 29.71
N GLU A 63 -0.95 -36.32 30.45
CA GLU A 63 -1.56 -36.53 31.76
C GLU A 63 -0.95 -35.52 32.75
N ASN A 64 -1.68 -35.17 33.81
CA ASN A 64 -1.14 -34.34 34.87
C ASN A 64 0.15 -34.97 35.38
N GLY A 65 1.18 -34.15 35.59
CA GLY A 65 2.41 -34.63 36.20
C GLY A 65 3.34 -35.33 35.21
N TYR A 66 2.94 -35.49 33.95
CA TYR A 66 3.80 -36.02 32.90
C TYR A 66 5.06 -35.15 32.74
N ILE A 67 6.22 -35.80 32.69
CA ILE A 67 7.44 -35.11 32.31
C ILE A 67 8.30 -36.05 31.45
N ASP A 68 8.90 -35.51 30.38
CA ASP A 68 9.81 -36.28 29.54
C ASP A 68 11.24 -35.78 29.76
N LYS A 69 11.98 -36.47 30.62
CA LYS A 69 13.33 -36.06 30.97
C LYS A 69 14.30 -36.46 29.87
N ASP A 70 13.82 -37.16 28.83
CA ASP A 70 14.66 -37.53 27.71
C ASP A 70 14.62 -36.49 26.58
N THR A 71 13.81 -35.43 26.70
CA THR A 71 13.77 -34.37 25.72
C THR A 71 14.12 -33.04 26.37
N THR A 72 15.16 -32.36 25.88
CA THR A 72 15.45 -30.98 26.29
C THR A 72 15.01 -30.03 25.18
N LEU A 73 14.22 -29.01 25.54
CA LEU A 73 13.71 -28.05 24.57
C LEU A 73 14.04 -26.62 25.01
N SER A 74 14.16 -25.73 24.01
CA SER A 74 14.34 -24.30 24.27
C SER A 74 13.06 -23.55 23.84
N LEU A 75 12.48 -22.78 24.77
CA LEU A 75 11.32 -21.94 24.50
C LEU A 75 11.66 -20.49 24.81
N SER A 76 10.84 -19.58 24.29
CA SER A 76 11.03 -18.17 24.57
C SER A 76 9.72 -17.40 24.46
N GLY A 77 9.66 -16.31 25.23
CA GLY A 77 8.57 -15.35 25.20
C GLY A 77 8.83 -14.22 26.18
N ARG A 78 7.81 -13.38 26.42
CA ARG A 78 7.87 -12.32 27.40
C ARG A 78 7.33 -12.86 28.73
N VAL A 79 8.00 -12.51 29.84
CA VAL A 79 7.55 -12.92 31.17
C VAL A 79 6.32 -12.12 31.56
N THR A 80 5.22 -12.82 31.86
CA THR A 80 3.98 -12.18 32.28
C THR A 80 3.73 -12.43 33.76
N SER A 81 4.50 -13.31 34.40
CA SER A 81 4.27 -13.65 35.81
C SER A 81 5.53 -14.23 36.43
N ILE A 82 5.76 -13.89 37.71
CA ILE A 82 6.79 -14.47 38.53
C ILE A 82 6.18 -14.73 39.91
N ARG A 83 6.28 -15.99 40.36
CA ARG A 83 5.87 -16.44 41.68
C ARG A 83 6.88 -17.48 42.17
N SER A 84 6.82 -17.82 43.45
CA SER A 84 7.82 -18.69 44.08
C SER A 84 7.25 -19.23 45.39
N SER A 85 7.61 -20.48 45.71
CA SER A 85 7.27 -21.19 46.93
C SER A 85 8.43 -21.19 47.93
N SER A 86 9.66 -21.04 47.44
CA SER A 86 10.82 -21.10 48.30
C SER A 86 11.99 -20.43 47.59
N SER A 87 13.17 -20.42 48.22
CA SER A 87 14.36 -19.96 47.51
C SER A 87 14.78 -20.99 46.47
N LYS A 88 14.09 -22.14 46.39
CA LYS A 88 14.52 -23.23 45.53
C LYS A 88 13.55 -23.51 44.38
N LEU A 89 12.42 -22.81 44.32
CA LEU A 89 11.36 -23.13 43.38
C LEU A 89 10.67 -21.83 42.96
N ILE A 90 10.79 -21.51 41.66
CA ILE A 90 10.22 -20.31 41.06
C ILE A 90 9.34 -20.72 39.88
N PHE A 91 8.19 -20.05 39.73
CA PHE A 91 7.20 -20.26 38.70
C PHE A 91 7.09 -19.02 37.83
N TYR A 92 7.36 -19.18 36.53
CA TYR A 92 7.15 -18.13 35.54
C TYR A 92 5.99 -18.48 34.62
N ASP A 93 5.33 -17.43 34.12
CA ASP A 93 4.61 -17.51 32.86
C ASP A 93 5.32 -16.72 31.76
N ILE A 94 5.45 -17.33 30.59
CA ILE A 94 5.90 -16.64 29.39
C ILE A 94 4.79 -16.70 28.35
N PHE A 95 4.76 -15.65 27.53
CA PHE A 95 3.74 -15.46 26.53
C PHE A 95 4.41 -15.12 25.21
N CYS A 96 3.94 -15.78 24.14
CA CYS A 96 4.43 -15.56 22.79
C CYS A 96 3.43 -16.14 21.79
N GLU A 97 3.14 -15.37 20.74
CA GLU A 97 2.32 -15.83 19.62
C GLU A 97 0.97 -16.34 20.15
N GLU A 98 0.37 -15.59 21.08
CA GLU A 98 -0.95 -15.86 21.64
C GLU A 98 -0.99 -17.05 22.59
N GLN A 99 0.17 -17.56 23.06
CA GLN A 99 0.14 -18.75 23.90
C GLN A 99 0.97 -18.52 25.16
N LYS A 100 0.38 -18.92 26.30
CA LYS A 100 1.04 -18.87 27.59
C LYS A 100 1.55 -20.27 27.94
N VAL A 101 2.78 -20.34 28.46
CA VAL A 101 3.34 -21.57 28.99
C VAL A 101 3.95 -21.25 30.36
N GLN A 102 3.73 -22.15 31.33
CA GLN A 102 4.35 -22.01 32.63
C GLN A 102 5.76 -22.61 32.60
N ILE A 103 6.68 -21.95 33.30
CA ILE A 103 8.02 -22.48 33.48
C ILE A 103 8.19 -22.76 34.98
N ILE A 104 8.59 -24.01 35.32
CA ILE A 104 8.86 -24.42 36.69
C ILE A 104 10.37 -24.58 36.84
N ALA A 105 10.98 -23.66 37.60
CA ALA A 105 12.43 -23.62 37.81
C ALA A 105 12.76 -24.12 39.21
N ASN A 106 13.19 -25.39 39.29
CA ASN A 106 13.62 -26.02 40.52
C ASN A 106 15.15 -25.99 40.61
N ILE A 107 15.73 -25.55 41.73
CA ILE A 107 17.18 -25.48 41.85
C ILE A 107 17.82 -26.87 41.59
N MET A 108 17.11 -27.96 41.89
CA MET A 108 17.68 -29.29 41.71
C MET A 108 17.95 -29.59 40.23
N GLU A 109 17.32 -28.87 39.29
CA GLU A 109 17.53 -29.11 37.87
C GLU A 109 18.47 -28.07 37.26
N HIS A 110 18.91 -27.10 38.06
CA HIS A 110 19.56 -25.93 37.49
C HIS A 110 20.96 -26.29 37.02
N ASP A 111 21.25 -25.96 35.77
CA ASP A 111 22.60 -26.09 35.25
C ASP A 111 23.49 -24.98 35.84
N ILE A 112 24.37 -25.37 36.78
CA ILE A 112 25.21 -24.43 37.54
C ILE A 112 26.25 -23.75 36.65
N SER A 113 26.53 -24.30 35.46
CA SER A 113 27.45 -23.66 34.53
C SER A 113 26.91 -22.32 34.02
N THR A 114 25.59 -22.09 34.05
CA THR A 114 25.01 -20.80 33.69
C THR A 114 25.08 -19.82 34.86
N GLY A 115 25.57 -20.28 36.02
CA GLY A 115 25.58 -19.48 37.23
C GLY A 115 24.79 -20.16 38.35
N GLU A 116 24.93 -19.58 39.55
CA GLU A 116 24.12 -19.98 40.69
C GLU A 116 22.65 -19.63 40.40
N PHE A 117 21.76 -20.49 40.89
CA PHE A 117 20.34 -20.38 40.64
C PHE A 117 19.84 -18.99 41.03
N SER A 118 20.19 -18.53 42.22
CA SER A 118 19.66 -17.27 42.71
C SER A 118 20.17 -16.10 41.87
N VAL A 119 21.40 -16.20 41.37
CA VAL A 119 21.99 -15.16 40.55
C VAL A 119 21.22 -15.12 39.21
N SER A 120 21.16 -16.27 38.55
CA SER A 120 20.42 -16.46 37.31
C SER A 120 19.01 -15.86 37.37
N HIS A 121 18.26 -16.16 38.43
CA HIS A 121 16.86 -15.78 38.49
C HIS A 121 16.71 -14.34 38.98
N SER A 122 17.75 -13.78 39.61
CA SER A 122 17.66 -12.44 40.16
C SER A 122 17.76 -11.40 39.05
N GLU A 123 18.27 -11.82 37.88
CA GLU A 123 18.38 -10.97 36.71
C GLU A 123 17.05 -10.85 35.95
N ILE A 124 16.04 -11.64 36.31
CA ILE A 124 14.79 -11.71 35.55
C ILE A 124 13.71 -10.90 36.26
N ARG A 125 12.98 -10.10 35.48
CA ARG A 125 11.82 -9.36 35.96
C ARG A 125 10.63 -9.60 35.04
N ARG A 126 9.42 -9.34 35.54
CA ARG A 126 8.24 -9.35 34.70
C ARG A 126 8.41 -8.34 33.57
N GLY A 127 8.04 -8.75 32.35
CA GLY A 127 8.22 -7.89 31.19
C GLY A 127 9.46 -8.24 30.38
N ASP A 128 10.38 -9.02 30.95
CA ASP A 128 11.60 -9.38 30.24
C ASP A 128 11.29 -10.37 29.13
N VAL A 129 11.99 -10.22 27.99
CA VAL A 129 12.04 -11.25 26.99
C VAL A 129 13.13 -12.23 27.39
N VAL A 130 12.79 -13.52 27.44
CA VAL A 130 13.70 -14.51 27.99
C VAL A 130 13.58 -15.82 27.23
N GLY A 131 14.66 -16.61 27.36
CA GLY A 131 14.70 -17.98 26.91
C GLY A 131 14.91 -18.93 28.09
N PHE A 132 14.37 -20.14 27.95
CA PHE A 132 14.49 -21.20 28.91
C PHE A 132 14.81 -22.49 28.17
N THR A 133 15.60 -23.37 28.81
CA THR A 133 15.72 -24.76 28.36
C THR A 133 15.22 -25.68 29.46
N GLY A 134 14.66 -26.84 29.08
CA GLY A 134 14.20 -27.81 30.06
C GLY A 134 13.38 -28.93 29.42
N PHE A 135 12.65 -29.65 30.29
CA PHE A 135 11.94 -30.86 29.92
C PHE A 135 10.46 -30.54 29.82
N PRO A 136 9.75 -31.08 28.81
CA PRO A 136 8.33 -30.78 28.65
C PRO A 136 7.43 -31.61 29.56
N GLY A 137 6.25 -31.07 29.84
CA GLY A 137 5.19 -31.84 30.42
C GLY A 137 4.10 -30.94 31.01
N LYS A 138 3.63 -31.38 32.18
CA LYS A 138 2.50 -30.75 32.83
C LYS A 138 2.65 -30.93 34.34
N SER A 139 2.41 -29.85 35.09
CA SER A 139 2.45 -29.87 36.55
C SER A 139 1.40 -30.87 37.06
N LYS A 140 1.50 -31.24 38.34
CA LYS A 140 0.53 -32.13 38.96
C LYS A 140 -0.85 -31.49 38.93
N ARG A 141 -0.90 -30.15 39.02
CA ARG A 141 -2.14 -29.41 38.96
C ARG A 141 -2.72 -29.35 37.56
N GLY A 142 -1.99 -29.80 36.53
CA GLY A 142 -2.52 -29.88 35.17
C GLY A 142 -2.15 -28.69 34.27
N GLU A 143 -1.15 -27.89 34.68
CA GLU A 143 -0.70 -26.73 33.93
C GLU A 143 0.38 -27.14 32.93
N LEU A 144 0.14 -26.82 31.65
CA LEU A 144 1.17 -26.98 30.63
C LEU A 144 2.42 -26.22 31.05
N SER A 145 3.57 -26.92 31.09
CA SER A 145 4.77 -26.40 31.73
C SER A 145 6.03 -26.90 31.02
N LEU A 146 7.10 -26.13 31.24
CA LEU A 146 8.46 -26.56 30.99
C LEU A 146 9.17 -26.58 32.34
N PHE A 147 9.84 -27.72 32.61
CA PHE A 147 10.64 -27.89 33.81
C PHE A 147 12.07 -27.49 33.45
N SER A 148 12.43 -26.26 33.83
CA SER A 148 13.58 -25.59 33.26
C SER A 148 14.86 -26.07 33.90
N LYS A 149 15.91 -26.07 33.09
CA LYS A 149 17.27 -26.27 33.56
C LYS A 149 18.08 -24.98 33.51
N SER A 150 17.64 -23.99 32.73
CA SER A 150 18.36 -22.73 32.62
C SER A 150 17.41 -21.59 32.23
N VAL A 151 17.91 -20.36 32.39
CA VAL A 151 17.23 -19.17 31.91
C VAL A 151 18.27 -18.21 31.33
N VAL A 152 17.92 -17.58 30.20
CA VAL A 152 18.71 -16.55 29.57
C VAL A 152 17.87 -15.28 29.47
N LEU A 153 18.44 -14.16 29.93
CA LEU A 153 17.89 -12.85 29.66
C LEU A 153 18.24 -12.41 28.24
N LEU A 154 17.21 -12.24 27.38
CA LEU A 154 17.46 -11.92 25.98
C LEU A 154 17.32 -10.42 25.75
N SER A 155 16.26 -9.83 26.32
CA SER A 155 15.99 -8.41 26.18
C SER A 155 15.18 -7.91 27.38
N PRO A 156 15.82 -7.19 28.33
CA PRO A 156 15.14 -6.75 29.55
C PRO A 156 14.15 -5.63 29.27
N CYS A 157 13.11 -5.56 30.10
CA CYS A 157 12.25 -4.38 30.13
C CYS A 157 12.72 -3.45 31.26
N TYR A 158 12.96 -2.18 30.90
CA TYR A 158 13.56 -1.21 31.80
C TYR A 158 12.49 -0.40 32.54
N HIS A 159 11.22 -0.78 32.40
CA HIS A 159 10.13 -0.03 32.99
C HIS A 159 9.19 -0.98 33.70
N MET A 160 8.65 -0.53 34.83
CA MET A 160 7.63 -1.31 35.51
C MET A 160 6.34 -1.26 34.69
N LEU A 161 5.79 -2.44 34.39
CA LEU A 161 4.61 -2.58 33.56
C LEU A 161 3.42 -2.83 34.46
N PRO A 162 2.20 -2.45 34.07
CA PRO A 162 0.99 -2.99 34.72
C PRO A 162 0.80 -4.41 34.22
N THR A 163 -0.18 -5.13 34.78
CA THR A 163 -0.52 -6.45 34.26
C THR A 163 -1.62 -6.32 33.20
N ALA A 164 -2.23 -5.14 33.06
CA ALA A 164 -3.32 -4.92 32.12
C ALA A 164 -3.44 -3.43 31.77
N ILE A 165 -4.14 -3.12 30.69
CA ILE A 165 -4.16 -1.74 30.18
C ILE A 165 -4.81 -0.81 31.21
N SER A 166 -5.64 -1.36 32.10
CA SER A 166 -6.30 -0.57 33.13
C SER A 166 -5.27 0.05 34.08
N GLY A 167 -4.08 -0.56 34.16
CA GLY A 167 -2.98 -0.07 34.98
C GLY A 167 -2.18 1.09 34.36
N LEU A 168 -2.45 1.46 33.10
CA LEU A 168 -1.77 2.57 32.45
C LEU A 168 -2.21 3.92 33.03
N LYS A 169 -1.31 4.92 32.95
CA LYS A 169 -1.53 6.23 33.55
C LYS A 169 -2.77 6.89 32.92
N ASP A 170 -2.97 6.67 31.61
CA ASP A 170 -4.22 7.03 30.95
C ASP A 170 -4.33 6.22 29.66
N GLN A 171 -5.56 6.09 29.17
CA GLN A 171 -5.87 5.13 28.10
C GLN A 171 -5.26 5.56 26.76
N GLU A 172 -4.95 6.86 26.60
CA GLU A 172 -4.29 7.39 25.41
C GLU A 172 -2.84 6.88 25.31
N VAL A 173 -2.29 6.31 26.38
CA VAL A 173 -0.99 5.66 26.28
C VAL A 173 -1.05 4.48 25.30
N ARG A 174 -2.24 3.85 25.19
CA ARG A 174 -2.46 2.76 24.25
C ARG A 174 -2.15 3.14 22.80
N TYR A 175 -2.33 4.42 22.46
CA TYR A 175 -2.15 4.91 21.10
C TYR A 175 -0.79 5.57 20.90
N ARG A 176 -0.29 6.28 21.92
CA ARG A 176 0.99 6.94 21.86
C ARG A 176 2.13 5.93 22.04
N GLN A 177 1.87 4.80 22.70
CA GLN A 177 2.85 3.76 22.88
C GLN A 177 2.19 2.40 22.58
N ARG A 178 1.88 2.20 21.31
CA ARG A 178 1.02 1.11 20.90
C ARG A 178 1.62 -0.24 21.28
N TYR A 179 2.95 -0.31 21.39
CA TYR A 179 3.59 -1.56 21.77
C TYR A 179 3.08 -2.03 23.15
N LEU A 180 2.73 -1.09 24.04
CA LEU A 180 2.22 -1.46 25.36
C LEU A 180 0.82 -2.07 25.22
N ASP A 181 -0.02 -1.46 24.38
CA ASP A 181 -1.35 -2.00 24.14
C ASP A 181 -1.25 -3.42 23.59
N LEU A 182 -0.40 -3.63 22.59
CA LEU A 182 -0.24 -4.94 21.97
C LEU A 182 0.29 -5.98 22.95
N MET A 183 1.21 -5.55 23.81
CA MET A 183 1.81 -6.39 24.84
C MET A 183 0.75 -6.94 25.79
N LEU A 184 -0.18 -6.06 26.19
CA LEU A 184 -1.05 -6.29 27.34
C LEU A 184 -2.46 -6.68 26.95
N ASN A 185 -2.88 -6.47 25.67
CA ASN A 185 -4.30 -6.31 25.36
C ASN A 185 -4.65 -7.14 24.13
N GLU A 186 -5.19 -8.34 24.38
CA GLU A 186 -5.54 -9.28 23.34
C GLU A 186 -6.51 -8.66 22.34
N GLU A 187 -7.40 -7.77 22.79
CA GLU A 187 -8.40 -7.18 21.91
C GLU A 187 -7.77 -6.30 20.83
N SER A 188 -6.68 -5.60 21.16
CA SER A 188 -6.03 -4.75 20.17
C SER A 188 -5.39 -5.63 19.11
N ARG A 189 -4.75 -6.71 19.53
CA ARG A 189 -4.12 -7.62 18.58
C ARG A 189 -5.15 -8.23 17.65
N LYS A 190 -6.33 -8.58 18.17
CA LYS A 190 -7.38 -9.18 17.36
C LYS A 190 -7.86 -8.20 16.27
N VAL A 191 -7.93 -6.90 16.57
CA VAL A 191 -8.40 -5.92 15.60
C VAL A 191 -7.48 -5.90 14.39
N PHE A 192 -6.16 -5.87 14.62
CA PHE A 192 -5.21 -5.76 13.52
C PHE A 192 -5.18 -7.05 12.70
N LYS A 193 -5.49 -8.20 13.34
CA LYS A 193 -5.60 -9.46 12.62
C LYS A 193 -6.89 -9.47 11.79
N LEU A 194 -7.98 -8.96 12.36
CA LEU A 194 -9.24 -8.86 11.59
C LEU A 194 -9.06 -7.94 10.39
N ARG A 195 -8.31 -6.84 10.56
CA ARG A 195 -8.07 -5.90 9.47
C ARG A 195 -7.35 -6.58 8.31
N SER A 196 -6.27 -7.32 8.59
CA SER A 196 -5.56 -8.08 7.58
C SER A 196 -6.50 -9.05 6.86
N ARG A 197 -7.31 -9.78 7.65
CA ARG A 197 -8.20 -10.78 7.09
C ARG A 197 -9.22 -10.16 6.15
N ALA A 198 -9.78 -9.01 6.55
CA ALA A 198 -10.75 -8.31 5.74
C ALA A 198 -10.15 -7.85 4.42
N ILE A 199 -8.91 -7.34 4.45
CA ILE A 199 -8.29 -6.83 3.25
C ILE A 199 -7.99 -7.99 2.31
N LYS A 200 -7.54 -9.13 2.86
CA LYS A 200 -7.32 -10.34 2.06
C LYS A 200 -8.61 -10.76 1.35
N TYR A 201 -9.72 -10.69 2.06
CA TYR A 201 -10.98 -11.06 1.46
C TYR A 201 -11.32 -10.14 0.28
N ILE A 202 -11.06 -8.84 0.46
CA ILE A 202 -11.43 -7.85 -0.54
C ILE A 202 -10.56 -8.04 -1.78
N ARG A 203 -9.25 -8.23 -1.60
CA ARG A 203 -8.37 -8.43 -2.74
C ARG A 203 -8.83 -9.66 -3.52
N ASN A 204 -9.13 -10.76 -2.81
CA ASN A 204 -9.51 -12.00 -3.47
C ASN A 204 -10.80 -11.79 -4.27
N TYR A 205 -11.76 -11.04 -3.71
CA TYR A 205 -13.00 -10.74 -4.42
C TYR A 205 -12.73 -10.17 -5.81
N PHE A 206 -11.84 -9.16 -5.88
CA PHE A 206 -11.55 -8.46 -7.13
C PHE A 206 -10.59 -9.27 -8.02
N ASP A 207 -9.61 -9.95 -7.41
CA ASP A 207 -8.70 -10.80 -8.17
C ASP A 207 -9.51 -11.84 -8.94
N ARG A 208 -10.53 -12.41 -8.30
CA ARG A 208 -11.31 -13.46 -8.95
C ARG A 208 -12.15 -12.87 -10.09
N LEU A 209 -12.43 -11.55 -10.07
CA LEU A 209 -13.11 -10.91 -11.18
C LEU A 209 -12.16 -10.45 -12.29
N GLY A 210 -10.86 -10.72 -12.16
CA GLY A 210 -9.90 -10.38 -13.21
C GLY A 210 -9.35 -8.96 -13.06
N PHE A 211 -9.45 -8.37 -11.87
CA PHE A 211 -8.89 -7.05 -11.70
C PHE A 211 -7.37 -7.11 -11.63
N LEU A 212 -6.74 -6.00 -12.04
CA LEU A 212 -5.32 -5.77 -11.85
C LEU A 212 -5.10 -4.72 -10.76
N GLU A 213 -4.27 -5.07 -9.77
CA GLU A 213 -3.87 -4.13 -8.74
C GLU A 213 -2.78 -3.22 -9.27
N VAL A 214 -2.93 -1.91 -9.02
CA VAL A 214 -1.98 -0.93 -9.52
C VAL A 214 -1.55 0.00 -8.38
N GLU A 215 -0.46 0.73 -8.63
CA GLU A 215 0.02 1.76 -7.71
C GLU A 215 0.19 3.05 -8.51
N THR A 216 -0.43 4.13 -8.03
CA THR A 216 -0.31 5.42 -8.69
C THR A 216 0.31 6.41 -7.72
N PRO A 217 0.84 7.57 -8.20
CA PRO A 217 1.62 8.46 -7.34
C PRO A 217 0.90 9.01 -6.11
N MET A 218 1.63 9.02 -4.99
CA MET A 218 1.18 9.72 -3.79
C MET A 218 1.72 11.15 -3.75
N LEU A 219 2.74 11.43 -4.57
CA LEU A 219 3.22 12.77 -4.82
C LEU A 219 2.60 13.23 -6.13
N ASN A 220 1.94 14.39 -6.09
CA ASN A 220 1.14 14.90 -7.19
C ASN A 220 1.56 16.33 -7.51
N MET A 221 1.76 16.67 -8.80
CA MET A 221 1.92 18.05 -9.23
C MET A 221 0.65 18.87 -8.94
N ILE A 222 -0.51 18.24 -9.16
CA ILE A 222 -1.83 18.82 -8.90
C ILE A 222 -2.65 17.80 -8.10
N TYR A 223 -3.30 18.26 -7.03
CA TYR A 223 -4.11 17.37 -6.23
C TYR A 223 -5.54 17.40 -6.77
N GLY A 224 -6.24 16.27 -6.62
CA GLY A 224 -7.63 16.20 -7.04
C GLY A 224 -8.24 14.83 -6.70
N GLY A 225 -9.53 14.70 -7.05
CA GLY A 225 -10.26 13.45 -6.98
C GLY A 225 -11.09 13.36 -5.70
N ALA A 226 -11.11 14.45 -4.91
CA ALA A 226 -11.90 14.49 -3.69
C ALA A 226 -12.04 15.94 -3.25
N ALA A 227 -12.85 16.14 -2.21
CA ALA A 227 -13.07 17.44 -1.61
C ALA A 227 -12.32 17.49 -0.29
N ALA A 228 -11.09 18.00 -0.33
CA ALA A 228 -10.24 17.94 0.82
C ALA A 228 -9.07 18.89 0.66
N ARG A 229 -8.55 19.35 1.79
CA ARG A 229 -7.40 20.20 1.80
C ARG A 229 -6.16 19.31 1.76
N PRO A 230 -5.15 19.61 0.91
CA PRO A 230 -3.96 18.78 0.84
C PRO A 230 -2.81 19.16 1.76
N PHE A 231 -1.90 18.20 1.94
CA PHE A 231 -0.55 18.47 2.40
C PHE A 231 0.31 18.93 1.22
N ILE A 232 1.15 19.93 1.48
CA ILE A 232 2.03 20.55 0.49
C ILE A 232 3.48 20.22 0.84
N THR A 233 4.30 19.93 -0.18
CA THR A 233 5.70 19.62 0.01
C THR A 233 6.46 20.14 -1.22
N TYR A 234 7.72 19.73 -1.36
CA TYR A 234 8.64 20.33 -2.30
C TYR A 234 9.74 19.32 -2.63
N HIS A 235 9.95 19.11 -3.95
CA HIS A 235 11.00 18.25 -4.44
C HIS A 235 12.19 19.13 -4.83
N ASN A 236 13.28 19.09 -4.05
CA ASN A 236 14.32 20.10 -4.15
C ASN A 236 15.07 20.03 -5.48
N GLU A 237 15.47 18.83 -5.88
CA GLU A 237 16.25 18.62 -7.09
C GLU A 237 15.48 19.08 -8.33
N LEU A 238 14.18 18.78 -8.39
CA LEU A 238 13.38 19.14 -9.54
C LEU A 238 12.73 20.51 -9.35
N GLU A 239 13.00 21.18 -8.23
CA GLU A 239 12.51 22.53 -7.97
C GLU A 239 11.02 22.67 -8.27
N THR A 240 10.21 21.82 -7.63
CA THR A 240 8.78 21.80 -7.91
C THR A 240 8.02 21.54 -6.60
N GLN A 241 7.00 22.34 -6.37
CA GLN A 241 6.03 22.06 -5.34
C GLN A 241 5.29 20.79 -5.74
N LEU A 242 4.96 19.98 -4.72
CA LEU A 242 4.08 18.84 -4.90
C LEU A 242 3.02 18.87 -3.80
N TYR A 243 1.99 18.05 -4.03
CA TYR A 243 0.96 17.78 -3.06
C TYR A 243 0.95 16.28 -2.77
N MET A 244 0.66 15.89 -1.53
CA MET A 244 0.29 14.52 -1.24
C MET A 244 -1.12 14.28 -1.79
N ARG A 245 -1.35 13.09 -2.33
CA ARG A 245 -2.62 12.81 -2.96
C ARG A 245 -3.72 12.83 -1.90
N ILE A 246 -4.85 13.44 -2.25
CA ILE A 246 -6.06 13.32 -1.46
C ILE A 246 -6.85 12.08 -1.91
N ALA A 247 -6.62 11.64 -3.15
CA ALA A 247 -7.26 10.48 -3.76
C ALA A 247 -6.49 10.10 -5.02
N PRO A 248 -6.51 8.81 -5.42
CA PRO A 248 -5.89 8.35 -6.66
C PRO A 248 -6.72 8.42 -7.94
N GLU A 249 -7.94 8.96 -7.85
CA GLU A 249 -8.96 8.80 -8.88
C GLU A 249 -8.47 9.29 -10.26
N LEU A 250 -7.82 10.45 -10.32
CA LEU A 250 -7.48 11.04 -11.60
C LEU A 250 -6.39 10.23 -12.33
N TYR A 251 -5.48 9.59 -11.60
CA TYR A 251 -4.55 8.64 -12.20
C TYR A 251 -5.26 7.35 -12.61
N LEU A 252 -6.08 6.81 -11.72
CA LEU A 252 -6.69 5.51 -12.02
C LEU A 252 -7.54 5.56 -13.29
N LYS A 253 -8.26 6.65 -13.53
CA LYS A 253 -9.09 6.75 -14.72
C LYS A 253 -8.22 6.74 -16.00
N GLN A 254 -7.00 7.29 -15.93
CA GLN A 254 -6.11 7.26 -17.08
C GLN A 254 -5.77 5.81 -17.48
N LEU A 255 -5.83 4.90 -16.53
CA LEU A 255 -5.51 3.52 -16.79
C LEU A 255 -6.65 2.86 -17.54
N ILE A 256 -7.89 3.38 -17.38
CA ILE A 256 -9.01 2.87 -18.14
C ILE A 256 -8.91 3.41 -19.58
N VAL A 257 -8.50 4.67 -19.74
CA VAL A 257 -8.17 5.22 -21.05
C VAL A 257 -7.13 4.32 -21.72
N GLY A 258 -6.15 3.88 -20.94
CA GLY A 258 -5.08 3.00 -21.40
C GLY A 258 -5.52 1.58 -21.74
N GLY A 259 -6.74 1.18 -21.34
CA GLY A 259 -7.33 -0.07 -21.79
C GLY A 259 -7.16 -1.22 -20.79
N LEU A 260 -6.77 -0.94 -19.54
CA LEU A 260 -6.53 -2.00 -18.57
C LEU A 260 -7.83 -2.58 -18.00
N ASP A 261 -8.96 -1.90 -18.24
CA ASP A 261 -10.32 -2.44 -18.16
C ASP A 261 -10.86 -2.52 -16.73
N LYS A 262 -10.09 -3.15 -15.84
CA LYS A 262 -10.48 -3.36 -14.45
C LYS A 262 -9.24 -3.18 -13.57
N VAL A 263 -9.17 -2.05 -12.85
CA VAL A 263 -8.05 -1.81 -11.94
C VAL A 263 -8.53 -1.47 -10.53
N TYR A 264 -7.69 -1.75 -9.55
CA TYR A 264 -7.95 -1.34 -8.17
C TYR A 264 -6.63 -0.96 -7.52
N GLU A 265 -6.73 -0.09 -6.49
CA GLU A 265 -5.57 0.32 -5.71
C GLU A 265 -6.00 0.43 -4.25
N ILE A 266 -5.16 -0.08 -3.36
CA ILE A 266 -5.38 0.03 -1.92
C ILE A 266 -4.18 0.73 -1.33
N GLY A 267 -4.39 1.93 -0.76
CA GLY A 267 -3.34 2.59 -0.02
C GLY A 267 -3.80 3.92 0.58
N LYS A 268 -2.81 4.70 1.01
CA LYS A 268 -3.06 5.86 1.82
C LYS A 268 -3.58 7.00 0.96
N ASN A 269 -4.52 7.74 1.54
CA ASN A 269 -4.86 9.10 1.15
C ASN A 269 -4.37 10.02 2.26
N PHE A 270 -4.10 11.27 1.90
CA PHE A 270 -3.63 12.25 2.87
C PHE A 270 -4.53 13.48 2.80
N ARG A 271 -5.15 13.84 3.92
CA ARG A 271 -6.09 14.95 3.99
C ARG A 271 -5.71 15.79 5.20
N ASN A 272 -5.37 17.05 4.91
CA ASN A 272 -4.77 17.98 5.87
C ASN A 272 -5.93 18.70 6.56
N GLU A 273 -6.49 17.98 7.54
CA GLU A 273 -7.76 18.31 8.17
C GLU A 273 -7.70 17.91 9.64
N GLY A 274 -8.78 18.24 10.36
CA GLY A 274 -8.94 17.94 11.77
C GLY A 274 -9.06 16.45 12.03
N ILE A 275 -8.78 16.04 13.27
CA ILE A 275 -8.87 14.65 13.66
C ILE A 275 -10.01 14.49 14.67
N ASP A 276 -10.68 13.33 14.63
CA ASP A 276 -11.83 13.04 15.44
C ASP A 276 -12.07 11.54 15.33
N LEU A 277 -13.21 11.07 15.87
CA LEU A 277 -13.45 9.63 16.04
C LEU A 277 -13.49 8.91 14.69
N THR A 278 -13.74 9.62 13.58
CA THR A 278 -13.83 8.98 12.27
C THR A 278 -12.90 9.62 11.23
N HIS A 279 -11.91 10.40 11.66
CA HIS A 279 -11.00 11.10 10.75
C HIS A 279 -9.56 11.06 11.27
N ASN A 280 -8.65 10.57 10.43
CA ASN A 280 -7.22 10.59 10.66
C ASN A 280 -6.58 11.21 9.42
N PRO A 281 -5.53 12.08 9.55
CA PRO A 281 -4.96 12.78 8.40
C PRO A 281 -4.44 11.87 7.29
N GLU A 282 -4.03 10.65 7.64
CA GLU A 282 -3.76 9.64 6.64
C GLU A 282 -4.67 8.45 6.93
N PHE A 283 -5.28 7.91 5.89
CA PHE A 283 -6.16 6.77 6.05
C PHE A 283 -6.07 5.88 4.81
N THR A 284 -6.54 4.66 4.95
CA THR A 284 -6.41 3.67 3.89
C THR A 284 -7.72 3.59 3.11
N ALA A 285 -7.61 3.76 1.79
CA ALA A 285 -8.75 3.69 0.90
C ALA A 285 -8.44 2.70 -0.21
N MET A 286 -9.52 2.08 -0.69
CA MET A 286 -9.51 1.32 -1.91
C MET A 286 -10.33 2.08 -2.95
N GLU A 287 -9.79 2.22 -4.17
CA GLU A 287 -10.55 2.64 -5.33
C GLU A 287 -10.46 1.56 -6.40
N PHE A 288 -11.58 1.37 -7.13
CA PHE A 288 -11.53 0.54 -8.32
C PHE A 288 -12.26 1.26 -9.44
N TYR A 289 -11.82 0.97 -10.69
CA TYR A 289 -12.41 1.44 -11.93
C TYR A 289 -12.68 0.22 -12.81
N MET A 290 -13.94 0.14 -13.26
CA MET A 290 -14.42 -0.96 -14.08
C MET A 290 -15.06 -0.41 -15.36
N ALA A 291 -14.39 -0.59 -16.51
CA ALA A 291 -14.96 -0.22 -17.79
C ALA A 291 -16.29 -0.94 -18.02
N TYR A 292 -17.27 -0.16 -18.53
CA TYR A 292 -18.57 -0.61 -19.02
C TYR A 292 -19.56 -0.84 -17.88
N ALA A 293 -19.16 -0.55 -16.63
CA ALA A 293 -20.09 -0.49 -15.51
C ALA A 293 -20.70 0.92 -15.37
N ASP A 294 -21.94 0.98 -14.84
CA ASP A 294 -22.54 2.22 -14.38
C ASP A 294 -22.79 2.08 -12.88
N TYR A 295 -23.36 3.11 -12.26
CA TYR A 295 -23.47 3.15 -10.82
C TYR A 295 -24.49 2.13 -10.30
N TYR A 296 -25.48 1.73 -11.12
CA TYR A 296 -26.39 0.64 -10.76
C TYR A 296 -25.59 -0.64 -10.59
N ASP A 297 -24.72 -0.95 -11.54
CA ASP A 297 -23.84 -2.10 -11.42
C ASP A 297 -22.99 -2.02 -10.15
N LEU A 298 -22.53 -0.81 -9.80
CA LEU A 298 -21.67 -0.62 -8.65
C LEU A 298 -22.43 -0.83 -7.33
N MET A 299 -23.71 -0.44 -7.28
CA MET A 299 -24.52 -0.68 -6.10
C MET A 299 -24.64 -2.19 -5.85
N ASP A 300 -24.87 -2.97 -6.92
CA ASP A 300 -25.01 -4.41 -6.80
C ASP A 300 -23.71 -5.04 -6.35
N LEU A 301 -22.58 -4.57 -6.89
CA LEU A 301 -21.28 -5.10 -6.48
C LEU A 301 -21.00 -4.79 -5.01
N THR A 302 -21.30 -3.57 -4.57
CA THR A 302 -21.05 -3.16 -3.19
C THR A 302 -21.81 -4.07 -2.22
N GLU A 303 -23.09 -4.32 -2.50
CA GLU A 303 -23.91 -5.21 -1.70
C GLU A 303 -23.29 -6.61 -1.63
N GLU A 304 -22.89 -7.17 -2.76
CA GLU A 304 -22.31 -8.51 -2.78
C GLU A 304 -20.98 -8.56 -2.03
N LEU A 305 -20.08 -7.59 -2.28
CA LEU A 305 -18.79 -7.58 -1.63
C LEU A 305 -18.96 -7.47 -0.11
N ILE A 306 -19.68 -6.43 0.35
CA ILE A 306 -19.69 -6.08 1.75
C ILE A 306 -20.56 -7.06 2.55
N SER A 307 -21.71 -7.50 2.03
CA SER A 307 -22.50 -8.47 2.76
C SER A 307 -21.75 -9.80 2.85
N GLY A 308 -21.03 -10.15 1.79
CA GLY A 308 -20.25 -11.38 1.82
C GLY A 308 -19.12 -11.31 2.86
N LEU A 309 -18.50 -10.14 3.03
CA LEU A 309 -17.41 -9.99 3.98
C LEU A 309 -17.97 -10.05 5.40
N VAL A 310 -19.10 -9.40 5.63
CA VAL A 310 -19.76 -9.43 6.91
C VAL A 310 -20.07 -10.89 7.29
N LEU A 311 -20.65 -11.65 6.37
CA LEU A 311 -20.99 -13.05 6.59
C LEU A 311 -19.72 -13.87 6.87
N GLU A 312 -18.63 -13.64 6.12
CA GLU A 312 -17.37 -14.32 6.39
C GLU A 312 -16.90 -14.07 7.82
N ILE A 313 -16.96 -12.84 8.32
CA ILE A 313 -16.36 -12.50 9.59
C ILE A 313 -17.29 -12.93 10.74
N HIS A 314 -18.59 -12.71 10.58
CA HIS A 314 -19.53 -12.77 11.68
C HIS A 314 -20.42 -14.01 11.61
N GLY A 315 -20.57 -14.64 10.43
CA GLY A 315 -21.38 -15.83 10.29
C GLY A 315 -22.86 -15.50 10.17
N SER A 316 -23.16 -14.21 10.02
CA SER A 316 -24.51 -13.69 9.94
C SER A 316 -24.43 -12.31 9.31
N LEU A 317 -25.56 -11.78 8.77
CA LEU A 317 -25.60 -10.44 8.19
C LEU A 317 -26.04 -9.40 9.21
N LYS A 318 -26.33 -9.85 10.44
CA LYS A 318 -26.77 -8.97 11.51
C LYS A 318 -25.69 -8.96 12.57
N ILE A 319 -25.11 -7.78 12.83
CA ILE A 319 -23.94 -7.69 13.66
C ILE A 319 -24.13 -6.58 14.69
N PRO A 320 -23.47 -6.70 15.86
CA PRO A 320 -23.62 -5.69 16.91
C PRO A 320 -22.74 -4.46 16.70
N TYR A 321 -23.27 -3.32 17.17
CA TYR A 321 -22.47 -2.11 17.24
C TYR A 321 -22.83 -1.34 18.51
N HIS A 322 -21.79 -0.88 19.20
CA HIS A 322 -21.95 -0.19 20.46
C HIS A 322 -21.42 1.23 20.30
N PRO A 323 -22.31 2.20 19.94
CA PRO A 323 -21.89 3.57 19.70
C PRO A 323 -21.23 4.27 20.89
N ASP A 324 -21.58 3.84 22.11
CA ASP A 324 -21.11 4.49 23.32
C ASP A 324 -20.21 3.56 24.13
N GLY A 325 -19.64 2.53 23.49
CA GLY A 325 -18.78 1.61 24.22
C GLY A 325 -19.56 0.40 24.72
N PRO A 326 -18.83 -0.64 25.16
CA PRO A 326 -19.40 -1.98 25.35
C PRO A 326 -20.46 -2.21 26.42
N GLU A 327 -20.59 -1.27 27.37
CA GLU A 327 -21.60 -1.40 28.43
C GLU A 327 -22.83 -0.59 28.09
N GLY A 328 -22.76 0.21 27.01
CA GLY A 328 -23.87 1.06 26.59
C GLY A 328 -24.84 0.30 25.69
N LYS A 329 -25.73 1.05 25.03
CA LYS A 329 -26.75 0.48 24.17
C LYS A 329 -26.09 -0.25 23.01
N CYS A 330 -26.78 -1.27 22.52
CA CYS A 330 -26.33 -2.02 21.37
C CYS A 330 -27.36 -1.87 20.27
N ILE A 331 -26.87 -1.53 19.07
CA ILE A 331 -27.70 -1.60 17.88
C ILE A 331 -27.20 -2.76 17.03
N GLU A 332 -28.17 -3.46 16.47
CA GLU A 332 -27.90 -4.49 15.49
C GLU A 332 -27.91 -3.84 14.11
N ILE A 333 -26.82 -3.93 13.37
CA ILE A 333 -26.75 -3.44 11.98
C ILE A 333 -27.10 -4.61 11.07
N ASP A 334 -28.05 -4.37 10.15
CA ASP A 334 -28.53 -5.42 9.25
C ASP A 334 -28.04 -5.16 7.82
N PHE A 335 -27.20 -6.08 7.33
CA PHE A 335 -26.59 -5.99 6.01
C PHE A 335 -27.37 -6.82 4.97
N THR A 336 -28.53 -7.39 5.35
CA THR A 336 -29.37 -8.11 4.40
C THR A 336 -29.61 -7.23 3.17
N THR A 337 -29.39 -7.78 1.96
CA THR A 337 -29.53 -7.08 0.69
C THR A 337 -30.89 -7.35 0.08
N PRO A 338 -31.49 -6.44 -0.73
CA PRO A 338 -30.87 -5.18 -1.12
C PRO A 338 -31.00 -4.09 -0.05
N TRP A 339 -30.14 -3.07 -0.12
CA TRP A 339 -30.11 -2.02 0.89
C TRP A 339 -31.07 -0.89 0.51
N LYS A 340 -31.48 -0.11 1.50
CA LYS A 340 -32.33 1.05 1.28
C LYS A 340 -31.58 2.08 0.42
N ARG A 341 -32.34 2.74 -0.47
CA ARG A 341 -31.83 3.87 -1.22
C ARG A 341 -32.53 5.14 -0.76
N PHE A 342 -31.77 6.22 -0.59
CA PHE A 342 -32.34 7.54 -0.35
C PHE A 342 -31.92 8.45 -1.49
N SER A 343 -32.89 9.05 -2.17
CA SER A 343 -32.59 10.06 -3.17
C SER A 343 -32.21 11.36 -2.46
N PHE A 344 -31.04 11.90 -2.79
CA PHE A 344 -30.41 13.00 -2.08
C PHE A 344 -31.35 14.20 -1.93
N VAL A 345 -31.81 14.75 -3.05
CA VAL A 345 -32.61 15.98 -2.97
C VAL A 345 -34.00 15.70 -2.39
N GLU A 346 -34.66 14.61 -2.84
CA GLU A 346 -36.02 14.30 -2.40
C GLU A 346 -36.07 14.13 -0.88
N GLU A 347 -35.08 13.47 -0.28
CA GLU A 347 -35.10 13.24 1.15
C GLU A 347 -34.85 14.54 1.90
N ILE A 348 -33.98 15.43 1.39
CA ILE A 348 -33.85 16.73 2.01
C ILE A 348 -35.21 17.44 2.04
N GLU A 349 -35.95 17.35 0.92
CA GLU A 349 -37.20 18.06 0.78
C GLU A 349 -38.24 17.48 1.74
N SER A 350 -38.25 16.15 1.92
CA SER A 350 -39.11 15.50 2.90
C SER A 350 -38.81 16.01 4.31
N GLY A 351 -37.52 16.10 4.66
CA GLY A 351 -37.08 16.60 5.94
C GLY A 351 -37.50 18.05 6.15
N LEU A 352 -37.42 18.86 5.09
CA LEU A 352 -37.65 20.29 5.14
C LEU A 352 -39.15 20.57 5.10
N GLY A 353 -39.94 19.67 4.49
CA GLY A 353 -41.35 19.90 4.25
C GLY A 353 -41.58 20.92 3.13
N GLU A 354 -40.52 21.25 2.38
CA GLU A 354 -40.65 22.13 1.23
C GLU A 354 -39.54 21.81 0.23
N LYS A 355 -39.71 22.33 -0.99
CA LYS A 355 -38.79 22.08 -2.07
C LYS A 355 -37.63 23.09 -2.08
N LEU A 356 -36.46 22.58 -2.48
CA LEU A 356 -35.35 23.43 -2.88
C LEU A 356 -35.73 24.21 -4.13
N LYS A 357 -35.11 25.38 -4.32
CA LYS A 357 -35.35 26.20 -5.49
C LYS A 357 -34.45 25.68 -6.60
N ARG A 358 -34.93 25.84 -7.84
CA ARG A 358 -34.18 25.42 -9.02
C ARG A 358 -33.82 26.64 -9.84
N PRO A 359 -32.65 26.68 -10.50
CA PRO A 359 -31.62 25.65 -10.35
C PRO A 359 -31.00 25.63 -8.96
N LEU A 360 -30.44 24.46 -8.61
CA LEU A 360 -29.93 24.18 -7.27
C LEU A 360 -28.74 25.08 -6.97
N ASP A 361 -28.03 25.53 -8.01
CA ASP A 361 -26.87 26.36 -7.75
C ASP A 361 -27.17 27.85 -7.98
N SER A 362 -28.45 28.22 -8.12
CA SER A 362 -28.81 29.62 -8.27
C SER A 362 -28.60 30.37 -6.96
N GLN A 363 -28.48 31.70 -7.04
CA GLN A 363 -28.32 32.51 -5.85
C GLN A 363 -29.56 32.39 -4.98
N GLU A 364 -30.72 32.18 -5.63
CA GLU A 364 -31.98 32.03 -4.92
C GLU A 364 -31.93 30.78 -4.05
N ASN A 365 -31.42 29.67 -4.56
CA ASN A 365 -31.40 28.45 -3.78
C ASN A 365 -30.33 28.53 -2.68
N ILE A 366 -29.20 29.17 -2.98
CA ILE A 366 -28.20 29.40 -1.96
C ILE A 366 -28.84 30.14 -0.77
N ASP A 367 -29.50 31.28 -1.07
CA ASP A 367 -30.18 32.08 -0.05
C ASP A 367 -31.19 31.24 0.73
N PHE A 368 -31.96 30.42 0.01
CA PHE A 368 -32.96 29.57 0.64
C PHE A 368 -32.30 28.53 1.55
N MET A 369 -31.23 27.89 1.06
CA MET A 369 -30.58 26.85 1.85
C MET A 369 -29.95 27.46 3.10
N VAL A 370 -29.44 28.70 3.01
CA VAL A 370 -28.94 29.40 4.19
C VAL A 370 -30.08 29.60 5.20
N GLU A 371 -31.25 30.02 4.73
CA GLU A 371 -32.41 30.20 5.59
C GLU A 371 -32.78 28.88 6.29
N MET A 372 -32.78 27.78 5.53
CA MET A 372 -33.15 26.48 6.07
C MET A 372 -32.13 26.01 7.10
N CYS A 373 -30.82 26.22 6.85
CA CYS A 373 -29.81 25.87 7.84
C CYS A 373 -30.05 26.64 9.14
N GLU A 374 -30.37 27.93 9.01
CA GLU A 374 -30.64 28.77 10.16
C GLU A 374 -31.90 28.30 10.89
N LYS A 375 -32.93 27.98 10.14
CA LYS A 375 -34.19 27.52 10.72
C LYS A 375 -34.02 26.23 11.50
N HIS A 376 -33.25 25.26 10.98
CA HIS A 376 -33.09 23.97 11.65
C HIS A 376 -31.79 23.89 12.45
N GLU A 377 -31.17 25.04 12.71
CA GLU A 377 -29.98 25.13 13.54
C GLU A 377 -28.87 24.23 13.04
N ILE A 378 -28.62 24.25 11.73
CA ILE A 378 -27.51 23.53 11.12
C ILE A 378 -26.39 24.55 10.94
N GLU A 379 -25.19 24.19 11.41
CA GLU A 379 -24.01 25.01 11.21
C GLU A 379 -23.79 25.29 9.72
N LEU A 380 -23.61 26.59 9.42
CA LEU A 380 -23.34 27.05 8.07
C LEU A 380 -21.91 26.69 7.69
N PRO A 381 -21.67 26.32 6.41
CA PRO A 381 -20.31 26.06 5.92
C PRO A 381 -19.68 27.39 5.51
N HIS A 382 -18.36 27.36 5.30
CA HIS A 382 -17.69 28.50 4.69
C HIS A 382 -16.79 28.04 3.56
N PRO A 383 -16.87 28.60 2.32
CA PRO A 383 -17.90 29.56 1.92
C PRO A 383 -19.25 28.88 1.75
N ARG A 384 -20.26 29.71 1.56
CA ARG A 384 -21.62 29.25 1.43
C ARG A 384 -21.91 28.90 -0.03
N THR A 385 -21.18 27.91 -0.58
CA THR A 385 -21.44 27.43 -1.93
C THR A 385 -22.70 26.57 -1.92
N ALA A 386 -23.37 26.44 -3.06
CA ALA A 386 -24.49 25.53 -3.19
C ALA A 386 -24.10 24.13 -2.73
N ALA A 387 -22.92 23.67 -3.20
CA ALA A 387 -22.43 22.33 -2.87
C ALA A 387 -22.31 22.11 -1.38
N LYS A 388 -21.70 23.09 -0.68
CA LYS A 388 -21.45 22.94 0.75
C LYS A 388 -22.74 23.01 1.55
N LEU A 389 -23.67 23.88 1.15
CA LEU A 389 -24.99 23.94 1.78
C LEU A 389 -25.77 22.65 1.59
N LEU A 390 -25.76 22.08 0.38
CA LEU A 390 -26.47 20.83 0.13
C LEU A 390 -25.93 19.73 1.04
N ASP A 391 -24.60 19.73 1.20
CA ASP A 391 -23.94 18.75 2.03
C ASP A 391 -24.39 18.90 3.49
N LYS A 392 -24.54 20.16 3.96
CA LYS A 392 -24.98 20.38 5.33
C LYS A 392 -26.39 19.82 5.52
N LEU A 393 -27.26 20.04 4.53
CA LEU A 393 -28.63 19.60 4.63
C LEU A 393 -28.69 18.08 4.56
N ALA A 394 -27.88 17.49 3.68
CA ALA A 394 -27.81 16.03 3.63
C ALA A 394 -27.34 15.45 4.97
N GLY A 395 -26.34 16.10 5.58
CA GLY A 395 -25.77 15.63 6.83
C GLY A 395 -26.83 15.62 7.94
N HIS A 396 -27.72 16.62 7.93
CA HIS A 396 -28.76 16.76 8.92
C HIS A 396 -29.94 15.81 8.63
N PHE A 397 -30.44 15.81 7.39
CA PHE A 397 -31.73 15.19 7.09
C PHE A 397 -31.60 13.78 6.51
N VAL A 398 -30.43 13.39 5.98
CA VAL A 398 -30.40 12.15 5.23
C VAL A 398 -29.43 11.14 5.85
N GLU A 399 -28.20 11.57 6.10
CA GLU A 399 -27.18 10.69 6.64
C GLU A 399 -27.63 10.09 7.98
N THR A 400 -28.37 10.91 8.72
CA THR A 400 -28.87 10.52 10.03
C THR A 400 -29.94 9.43 9.90
N LYS A 401 -30.41 9.10 8.69
CA LYS A 401 -31.37 8.01 8.57
C LYS A 401 -30.68 6.70 8.18
N CYS A 402 -29.35 6.72 8.05
CA CYS A 402 -28.64 5.59 7.49
C CYS A 402 -28.00 4.79 8.63
N THR A 403 -28.81 3.98 9.31
CA THR A 403 -28.29 3.16 10.38
C THR A 403 -27.77 1.85 9.80
N ASN A 404 -28.68 1.07 9.22
CA ASN A 404 -28.27 -0.01 8.34
C ASN A 404 -27.57 0.58 7.10
N PRO A 405 -26.71 -0.20 6.42
CA PRO A 405 -26.11 0.22 5.15
C PRO A 405 -27.22 0.76 4.26
N SER A 406 -27.07 2.03 3.87
CA SER A 406 -28.01 2.71 2.99
C SER A 406 -27.24 3.50 1.94
N PHE A 407 -27.74 3.50 0.70
CA PHE A 407 -27.19 4.32 -0.37
C PHE A 407 -27.92 5.65 -0.42
N ILE A 408 -27.17 6.75 -0.32
CA ILE A 408 -27.67 8.04 -0.72
C ILE A 408 -27.27 8.23 -2.19
N ILE A 409 -28.25 8.51 -3.06
CA ILE A 409 -28.04 8.45 -4.51
C ILE A 409 -28.37 9.79 -5.15
N ASP A 410 -27.83 10.00 -6.39
CA ASP A 410 -28.31 11.00 -7.31
C ASP A 410 -27.94 12.41 -6.85
N HIS A 411 -26.72 12.55 -6.34
CA HIS A 411 -26.22 13.82 -5.85
C HIS A 411 -26.26 14.86 -6.96
N PRO A 412 -26.64 16.12 -6.66
CA PRO A 412 -26.45 17.21 -7.59
C PRO A 412 -25.05 17.29 -8.20
N GLN A 413 -25.04 17.68 -9.50
CA GLN A 413 -23.83 17.93 -10.26
C GLN A 413 -22.96 18.97 -9.57
N THR A 414 -23.60 20.01 -9.03
CA THR A 414 -22.86 21.13 -8.44
C THR A 414 -21.93 20.63 -7.34
N MET A 415 -22.22 19.50 -6.68
CA MET A 415 -21.35 18.98 -5.62
C MET A 415 -20.57 17.73 -6.09
N SER A 416 -20.60 17.43 -7.40
CA SER A 416 -20.13 16.15 -7.93
C SER A 416 -19.42 16.38 -9.25
N PRO A 417 -18.27 17.10 -9.26
CA PRO A 417 -17.62 17.48 -10.50
C PRO A 417 -16.99 16.40 -11.39
N LEU A 418 -16.83 15.17 -10.88
CA LEU A 418 -16.28 14.08 -11.67
C LEU A 418 -17.35 13.03 -12.00
N ALA A 419 -18.60 13.27 -11.61
CA ALA A 419 -19.67 12.30 -11.79
C ALA A 419 -20.49 12.66 -13.01
N LYS A 420 -20.83 11.64 -13.81
CA LYS A 420 -21.56 11.85 -15.04
C LYS A 420 -23.02 12.24 -14.76
N TRP A 421 -23.55 13.16 -15.57
CA TRP A 421 -24.92 13.63 -15.45
C TRP A 421 -25.93 12.48 -15.46
N HIS A 422 -26.98 12.62 -14.65
CA HIS A 422 -27.97 11.57 -14.55
C HIS A 422 -28.72 11.45 -15.89
N ARG A 423 -28.87 10.24 -16.38
CA ARG A 423 -29.54 9.97 -17.65
C ARG A 423 -31.02 10.37 -17.61
N GLU A 424 -31.61 10.50 -16.42
CA GLU A 424 -33.02 10.83 -16.29
C GLU A 424 -33.25 12.14 -15.56
N LYS A 425 -32.44 12.45 -14.54
CA LYS A 425 -32.79 13.50 -13.61
C LYS A 425 -31.96 14.75 -13.88
N PRO A 426 -32.62 15.86 -14.27
CA PRO A 426 -31.94 17.15 -14.43
C PRO A 426 -31.17 17.58 -13.19
N GLU A 427 -29.96 18.11 -13.40
CA GLU A 427 -29.12 18.70 -12.37
C GLU A 427 -28.45 17.63 -11.50
N MET A 428 -28.83 16.36 -11.66
CA MET A 428 -28.30 15.31 -10.80
C MET A 428 -27.18 14.55 -11.53
N THR A 429 -26.54 13.62 -10.82
CA THR A 429 -25.51 12.76 -11.37
C THR A 429 -25.77 11.32 -10.97
N GLU A 430 -25.06 10.41 -11.64
CA GLU A 430 -25.17 8.98 -11.34
C GLU A 430 -24.16 8.63 -10.25
N ARG A 431 -24.45 9.09 -9.04
CA ARG A 431 -23.57 8.93 -7.90
C ARG A 431 -24.33 8.30 -6.73
N PHE A 432 -23.57 7.54 -5.93
CA PHE A 432 -24.02 7.12 -4.61
C PHE A 432 -22.89 7.24 -3.58
N GLU A 433 -23.31 7.40 -2.32
CA GLU A 433 -22.48 7.10 -1.17
C GLU A 433 -23.16 6.01 -0.35
N LEU A 434 -22.34 5.10 0.20
CA LEU A 434 -22.80 4.18 1.20
C LEU A 434 -22.55 4.76 2.59
N PHE A 435 -23.63 4.77 3.39
CA PHE A 435 -23.55 5.16 4.80
C PHE A 435 -23.95 3.98 5.68
N VAL A 436 -23.20 3.83 6.79
CA VAL A 436 -23.50 2.90 7.85
C VAL A 436 -23.38 3.68 9.16
N LEU A 437 -24.37 3.50 10.03
CA LEU A 437 -24.45 4.23 11.30
C LEU A 437 -24.15 5.70 11.10
N GLY A 438 -24.65 6.30 10.01
CA GLY A 438 -24.54 7.73 9.80
C GLY A 438 -23.18 8.14 9.27
N LYS A 439 -22.28 7.17 9.00
CA LYS A 439 -20.92 7.50 8.59
C LYS A 439 -20.66 7.06 7.15
N GLU A 440 -19.92 7.86 6.37
CA GLU A 440 -19.67 7.52 4.95
C GLU A 440 -18.63 6.40 4.85
N LEU A 441 -18.99 5.33 4.12
CA LEU A 441 -18.12 4.19 3.85
C LEU A 441 -17.61 4.19 2.42
N CYS A 442 -18.50 4.47 1.46
CA CYS A 442 -18.18 4.40 0.04
C CYS A 442 -18.68 5.64 -0.68
N ASN A 443 -18.02 5.91 -1.81
CA ASN A 443 -18.40 6.97 -2.74
C ASN A 443 -18.11 6.45 -4.13
N ALA A 444 -19.10 6.57 -5.02
CA ALA A 444 -19.01 5.92 -6.31
C ALA A 444 -19.86 6.62 -7.36
N TYR A 445 -19.50 6.47 -8.64
CA TYR A 445 -20.35 7.03 -9.68
C TYR A 445 -20.07 6.45 -11.06
N THR A 446 -21.06 6.63 -11.94
CA THR A 446 -20.80 6.56 -13.37
C THR A 446 -19.86 7.72 -13.69
N GLU A 447 -18.66 7.40 -14.18
CA GLU A 447 -17.61 8.39 -14.35
C GLU A 447 -17.93 9.36 -15.49
N LEU A 448 -17.69 10.65 -15.26
CA LEU A 448 -17.81 11.64 -16.30
C LEU A 448 -16.69 11.43 -17.33
N ASN A 449 -17.09 11.29 -18.61
CA ASN A 449 -16.13 10.97 -19.66
C ASN A 449 -16.22 11.97 -20.81
N GLU A 450 -16.93 13.07 -20.59
CA GLU A 450 -17.17 14.08 -21.63
C GLU A 450 -16.29 15.27 -21.33
N PRO A 451 -15.23 15.52 -22.11
CA PRO A 451 -14.20 16.48 -21.70
C PRO A 451 -14.67 17.94 -21.63
N LEU A 452 -15.68 18.32 -22.39
CA LEU A 452 -16.08 19.72 -22.44
C LEU A 452 -16.66 20.10 -21.09
N GLN A 453 -17.66 19.36 -20.60
CA GLN A 453 -18.24 19.68 -19.30
C GLN A 453 -17.28 19.39 -18.14
N GLN A 454 -16.41 18.39 -18.27
CA GLN A 454 -15.43 18.12 -17.24
C GLN A 454 -14.59 19.37 -16.98
N ARG A 455 -14.11 19.98 -18.06
CA ARG A 455 -13.30 21.19 -17.98
C ARG A 455 -14.10 22.31 -17.30
N LYS A 456 -15.37 22.48 -17.71
CA LYS A 456 -16.25 23.47 -17.11
C LYS A 456 -16.35 23.26 -15.59
N PHE A 457 -16.52 22.01 -15.17
CA PHE A 457 -16.74 21.73 -13.77
C PHE A 457 -15.43 21.96 -13.00
N PHE A 458 -14.30 21.74 -13.66
CA PHE A 458 -13.03 22.05 -13.02
C PHE A 458 -12.91 23.56 -12.82
N GLU A 459 -13.30 24.35 -13.84
CA GLU A 459 -13.22 25.80 -13.76
C GLU A 459 -14.08 26.32 -12.62
N GLN A 460 -15.27 25.74 -12.45
CA GLN A 460 -16.13 26.14 -11.34
C GLN A 460 -15.49 25.80 -9.99
N GLN A 461 -14.82 24.64 -9.91
CA GLN A 461 -14.12 24.25 -8.70
C GLN A 461 -12.99 25.24 -8.37
N ALA A 462 -12.24 25.66 -9.40
CA ALA A 462 -11.14 26.59 -9.20
C ALA A 462 -11.67 27.97 -8.80
N ASP A 463 -12.89 28.33 -9.23
CA ASP A 463 -13.50 29.58 -8.79
C ASP A 463 -13.87 29.50 -7.30
N ALA A 464 -14.46 28.37 -6.90
CA ALA A 464 -14.81 28.16 -5.50
C ALA A 464 -13.54 28.17 -4.64
N LYS A 465 -12.46 27.57 -5.15
CA LYS A 465 -11.19 27.57 -4.43
C LYS A 465 -10.68 29.00 -4.23
N ALA A 466 -10.69 29.81 -5.28
CA ALA A 466 -10.27 31.21 -5.19
C ALA A 466 -11.16 32.01 -4.25
N SER A 467 -12.41 31.57 -4.04
CA SER A 467 -13.31 32.27 -3.15
C SER A 467 -13.13 31.81 -1.70
N GLY A 468 -12.18 30.89 -1.46
CA GLY A 468 -11.83 30.48 -0.11
C GLY A 468 -12.32 29.07 0.23
N ASP A 469 -12.71 28.25 -0.76
CA ASP A 469 -13.10 26.88 -0.48
C ASP A 469 -11.84 26.03 -0.47
N VAL A 470 -11.35 25.67 0.73
CA VAL A 470 -10.08 24.99 0.88
C VAL A 470 -10.22 23.53 0.46
N GLU A 471 -11.46 23.06 0.21
CA GLU A 471 -11.67 21.68 -0.22
C GLU A 471 -11.82 21.58 -1.74
N ALA A 472 -11.84 22.71 -2.46
CA ALA A 472 -11.98 22.69 -3.91
C ALA A 472 -10.61 22.58 -4.57
N CYS A 473 -10.57 21.84 -5.68
CA CYS A 473 -9.31 21.48 -6.31
C CYS A 473 -9.06 22.35 -7.53
N PRO A 474 -7.78 22.59 -7.88
CA PRO A 474 -7.42 23.25 -9.14
C PRO A 474 -7.69 22.40 -10.37
N ILE A 475 -7.67 23.11 -11.52
CA ILE A 475 -7.91 22.51 -12.82
C ILE A 475 -6.74 21.59 -13.11
N ASP A 476 -7.04 20.39 -13.61
CA ASP A 476 -5.99 19.46 -13.98
C ASP A 476 -6.03 19.22 -15.49
N GLU A 477 -5.18 19.95 -16.22
CA GLU A 477 -5.10 19.86 -17.67
C GLU A 477 -4.68 18.47 -18.16
N THR A 478 -3.72 17.84 -17.50
CA THR A 478 -3.28 16.51 -17.90
C THR A 478 -4.46 15.53 -17.87
N PHE A 479 -5.36 15.67 -16.90
CA PHE A 479 -6.54 14.82 -16.80
C PHE A 479 -7.51 15.13 -17.94
N CYS A 480 -7.74 16.42 -18.24
CA CYS A 480 -8.60 16.80 -19.35
C CYS A 480 -8.09 16.23 -20.67
N LEU A 481 -6.77 16.27 -20.85
CA LEU A 481 -6.12 15.76 -22.05
C LEU A 481 -6.32 14.24 -22.17
N ALA A 482 -6.28 13.57 -21.01
CA ALA A 482 -6.52 12.14 -20.96
C ALA A 482 -7.93 11.83 -21.41
N LEU A 483 -8.90 12.62 -20.96
CA LEU A 483 -10.29 12.44 -21.37
C LEU A 483 -10.46 12.63 -22.87
N GLU A 484 -9.63 13.51 -23.46
CA GLU A 484 -9.65 13.77 -24.89
C GLU A 484 -9.15 12.57 -25.69
N HIS A 485 -8.55 11.57 -25.05
CA HIS A 485 -8.10 10.36 -25.72
C HIS A 485 -9.14 9.24 -25.60
N GLY A 486 -10.25 9.51 -24.88
CA GLY A 486 -11.42 8.65 -24.85
C GLY A 486 -11.44 7.74 -23.63
N LEU A 487 -12.12 8.17 -22.57
CA LEU A 487 -12.43 7.29 -21.44
C LEU A 487 -13.68 6.51 -21.80
N PRO A 488 -13.61 5.16 -21.90
CA PRO A 488 -14.80 4.34 -22.07
C PRO A 488 -15.84 4.67 -21.01
N PRO A 489 -17.14 4.39 -21.26
CA PRO A 489 -18.13 4.39 -20.18
C PRO A 489 -17.58 3.50 -19.07
N THR A 490 -17.57 4.06 -17.84
CA THR A 490 -16.81 3.48 -16.74
C THR A 490 -17.58 3.74 -15.45
N GLY A 491 -17.48 2.78 -14.55
CA GLY A 491 -17.92 2.98 -13.17
C GLY A 491 -16.74 2.93 -12.21
N GLY A 492 -16.73 3.87 -11.26
CA GLY A 492 -15.62 3.94 -10.32
C GLY A 492 -16.13 4.03 -8.89
N TRP A 493 -15.26 3.74 -7.92
CA TRP A 493 -15.72 3.46 -6.57
C TRP A 493 -14.56 3.60 -5.60
N GLY A 494 -14.89 4.07 -4.37
CA GLY A 494 -13.98 4.14 -3.27
C GLY A 494 -14.62 3.64 -1.98
N LEU A 495 -13.77 3.04 -1.13
CA LEU A 495 -14.13 2.51 0.17
C LEU A 495 -13.11 2.99 1.18
N GLY A 496 -13.59 3.42 2.35
CA GLY A 496 -12.71 3.76 3.46
C GLY A 496 -12.50 2.52 4.31
N ILE A 497 -11.30 1.93 4.24
CA ILE A 497 -11.03 0.66 4.88
C ILE A 497 -11.06 0.77 6.40
N ASP A 498 -10.52 1.87 6.95
CA ASP A 498 -10.46 2.04 8.40
C ASP A 498 -11.88 2.03 8.95
N ARG A 499 -12.74 2.85 8.34
CA ARG A 499 -14.13 2.90 8.78
C ARG A 499 -14.80 1.54 8.66
N LEU A 500 -14.48 0.79 7.59
CA LEU A 500 -15.02 -0.55 7.42
C LEU A 500 -14.66 -1.41 8.64
N ILE A 501 -13.39 -1.38 9.05
CA ILE A 501 -12.93 -2.17 10.17
C ILE A 501 -13.62 -1.75 11.46
N MET A 502 -13.87 -0.44 11.64
CA MET A 502 -14.63 0.05 12.77
C MET A 502 -15.95 -0.69 12.92
N PHE A 503 -16.73 -0.86 11.84
CA PHE A 503 -18.02 -1.54 11.93
C PHE A 503 -17.83 -3.04 12.11
N LEU A 504 -16.88 -3.63 11.38
CA LEU A 504 -16.64 -5.06 11.48
C LEU A 504 -16.25 -5.47 12.89
N ALA A 505 -15.41 -4.66 13.54
CA ALA A 505 -14.81 -5.00 14.82
C ALA A 505 -15.50 -4.32 16.00
N ASP A 506 -16.57 -3.54 15.74
CA ASP A 506 -17.31 -2.84 16.77
C ASP A 506 -16.38 -1.92 17.56
N LYS A 507 -15.78 -0.93 16.86
CA LYS A 507 -15.04 0.16 17.47
C LYS A 507 -15.69 1.47 17.08
N ASN A 508 -15.72 2.43 18.02
CA ASN A 508 -16.36 3.70 17.79
C ASN A 508 -15.31 4.79 17.63
N ASN A 509 -14.03 4.40 17.59
CA ASN A 509 -12.93 5.35 17.48
C ASN A 509 -11.92 4.80 16.46
N ILE A 510 -11.65 5.60 15.43
CA ILE A 510 -10.75 5.18 14.36
C ILE A 510 -9.35 4.88 14.92
N LYS A 511 -8.99 5.43 16.09
CA LYS A 511 -7.70 5.15 16.70
C LYS A 511 -7.57 3.67 17.07
N GLU A 512 -8.70 2.96 17.18
CA GLU A 512 -8.67 1.54 17.53
C GLU A 512 -8.19 0.68 16.36
N VAL A 513 -8.33 1.17 15.12
CA VAL A 513 -8.11 0.33 13.94
C VAL A 513 -6.88 0.79 13.15
N ILE A 514 -6.16 1.81 13.65
CA ILE A 514 -4.92 2.27 13.06
C ILE A 514 -3.83 2.11 14.11
N LEU A 515 -2.73 1.46 13.74
CA LEU A 515 -1.69 1.13 14.71
C LEU A 515 -1.14 2.39 15.36
N PHE A 516 -0.77 3.38 14.55
CA PHE A 516 -0.13 4.57 15.12
C PHE A 516 -0.90 5.81 14.72
N PRO A 517 -2.08 6.07 15.30
CA PRO A 517 -2.93 7.16 14.82
C PRO A 517 -2.38 8.52 15.26
N ALA A 518 -2.78 9.57 14.55
CA ALA A 518 -2.46 10.95 14.92
C ALA A 518 -3.07 11.28 16.29
N MET A 519 -2.31 12.07 17.07
CA MET A 519 -2.63 12.46 18.44
C MET A 519 -2.36 13.95 18.61
N ARG A 520 -3.12 14.66 19.47
CA ARG A 520 -2.84 16.07 19.77
C ARG A 520 -1.70 16.21 20.77
N ASN A 521 -1.26 17.45 20.99
CA ASN A 521 -0.27 17.76 22.04
C ASN A 521 -0.85 18.81 22.97
N GLY B 20 -3.94 18.31 -36.83
CA GLY B 20 -3.37 18.18 -35.48
C GLY B 20 -4.16 19.01 -34.49
N SER B 21 -3.92 20.32 -34.48
CA SER B 21 -4.74 21.24 -33.69
C SER B 21 -6.14 21.30 -34.29
N HIS B 22 -6.23 21.24 -35.64
CA HIS B 22 -7.49 21.34 -36.35
C HIS B 22 -8.34 20.09 -36.14
N TYR B 23 -7.70 18.92 -36.09
CA TYR B 23 -8.41 17.66 -35.86
C TYR B 23 -9.18 17.71 -34.54
N THR B 24 -8.56 18.26 -33.49
CA THR B 24 -9.18 18.31 -32.17
C THR B 24 -10.41 19.20 -32.22
N ASP B 25 -10.30 20.40 -32.81
CA ASP B 25 -11.40 21.35 -32.86
C ASP B 25 -12.56 20.81 -33.68
N ASN B 26 -12.25 20.22 -34.82
CA ASN B 26 -13.24 19.59 -35.68
C ASN B 26 -13.97 18.49 -34.90
N ARG B 27 -13.24 17.72 -34.10
CA ARG B 27 -13.89 16.62 -33.40
C ARG B 27 -14.90 17.18 -32.40
N TYR B 28 -14.53 18.26 -31.71
CA TYR B 28 -15.43 18.93 -30.78
C TYR B 28 -16.67 19.43 -31.52
N LYS B 29 -16.48 19.91 -32.76
CA LYS B 29 -17.56 20.39 -33.61
C LYS B 29 -18.48 19.24 -34.01
N MET B 30 -17.88 18.09 -34.37
CA MET B 30 -18.66 16.91 -34.72
C MET B 30 -19.55 16.54 -33.53
N MET B 31 -18.97 16.56 -32.32
CA MET B 31 -19.72 16.07 -31.17
C MET B 31 -20.87 17.01 -30.87
N GLU B 32 -20.65 18.33 -31.02
CA GLU B 32 -21.72 19.30 -30.86
C GLU B 32 -22.85 19.03 -31.87
N CYS B 33 -22.48 18.77 -33.12
CA CYS B 33 -23.46 18.46 -34.15
C CYS B 33 -24.26 17.22 -33.79
N ILE B 34 -23.56 16.14 -33.44
CA ILE B 34 -24.21 14.90 -33.04
C ILE B 34 -25.26 15.19 -31.97
N LYS B 35 -24.88 15.98 -30.97
CA LYS B 35 -25.73 16.27 -29.83
C LYS B 35 -26.94 17.10 -30.26
N ASP B 36 -26.71 18.10 -31.11
CA ASP B 36 -27.77 18.96 -31.58
C ASP B 36 -28.76 18.14 -32.41
N ALA B 37 -28.26 17.15 -33.15
CA ALA B 37 -29.09 16.33 -34.01
C ALA B 37 -29.85 15.26 -33.22
N GLY B 38 -29.63 15.18 -31.92
CA GLY B 38 -30.28 14.16 -31.11
C GLY B 38 -29.70 12.76 -31.34
N ARG B 39 -28.54 12.65 -31.97
CA ARG B 39 -27.93 11.33 -32.12
C ARG B 39 -27.20 10.95 -30.83
N PRO B 40 -26.81 9.66 -30.66
CA PRO B 40 -26.12 9.21 -29.44
C PRO B 40 -24.89 10.04 -29.08
N PHE B 41 -24.92 10.59 -27.85
CA PHE B 41 -23.89 11.45 -27.32
C PHE B 41 -23.44 10.90 -25.97
N TYR B 42 -22.29 10.21 -25.94
CA TYR B 42 -21.77 9.64 -24.72
C TYR B 42 -22.84 8.85 -23.97
N PRO B 43 -23.34 7.74 -24.55
CA PRO B 43 -24.25 6.84 -23.82
C PRO B 43 -23.70 6.48 -22.45
N HIS B 44 -24.59 6.36 -21.46
CA HIS B 44 -24.21 6.09 -20.08
C HIS B 44 -23.75 4.65 -19.92
N LYS B 45 -24.49 3.72 -20.53
CA LYS B 45 -24.28 2.28 -20.36
C LYS B 45 -24.36 1.59 -21.71
N PHE B 46 -23.37 0.74 -22.01
CA PHE B 46 -23.43 -0.16 -23.13
C PHE B 46 -23.27 -1.57 -22.56
N LYS B 47 -24.27 -2.41 -22.82
CA LYS B 47 -24.33 -3.73 -22.25
C LYS B 47 -23.71 -4.71 -23.23
N ILE B 48 -22.47 -5.12 -22.98
CA ILE B 48 -21.84 -6.10 -23.84
C ILE B 48 -22.48 -7.48 -23.61
N SER B 49 -22.55 -8.30 -24.68
CA SER B 49 -22.98 -9.69 -24.57
C SER B 49 -21.92 -10.51 -23.87
N MET B 50 -20.65 -10.20 -24.13
CA MET B 50 -19.55 -10.92 -23.52
C MET B 50 -18.26 -10.15 -23.83
N SER B 51 -17.19 -10.51 -23.14
CA SER B 51 -15.88 -9.92 -23.38
C SER B 51 -15.36 -10.37 -24.74
N LEU B 52 -14.36 -9.66 -25.27
CA LEU B 52 -13.79 -10.03 -26.55
C LEU B 52 -13.05 -11.37 -26.39
N PRO B 53 -12.28 -11.61 -25.30
CA PRO B 53 -11.67 -12.92 -25.09
C PRO B 53 -12.68 -14.06 -25.10
N ALA B 54 -13.83 -13.84 -24.46
CA ALA B 54 -14.85 -14.88 -24.37
C ALA B 54 -15.43 -15.11 -25.75
N TYR B 55 -15.51 -14.05 -26.55
CA TYR B 55 -16.03 -14.15 -27.91
C TYR B 55 -15.11 -15.02 -28.76
N ALA B 56 -13.80 -14.72 -28.71
CA ALA B 56 -12.77 -15.47 -29.41
C ALA B 56 -12.83 -16.94 -29.01
N LEU B 57 -12.96 -17.19 -27.71
CA LEU B 57 -12.99 -18.55 -27.20
C LEU B 57 -14.21 -19.27 -27.77
N LYS B 58 -15.36 -18.60 -27.87
CA LYS B 58 -16.58 -19.28 -28.28
C LYS B 58 -16.62 -19.49 -29.80
N TYR B 59 -16.16 -18.51 -30.58
CA TYR B 59 -16.36 -18.54 -32.03
C TYR B 59 -15.06 -18.75 -32.82
N GLY B 60 -13.92 -18.84 -32.13
CA GLY B 60 -12.64 -18.86 -32.81
C GLY B 60 -12.42 -20.13 -33.65
N ASN B 61 -13.20 -21.19 -33.44
CA ASN B 61 -12.95 -22.44 -34.15
C ASN B 61 -14.10 -22.80 -35.09
N VAL B 62 -14.94 -21.85 -35.47
CA VAL B 62 -15.97 -22.14 -36.46
C VAL B 62 -15.30 -22.20 -37.83
N GLU B 63 -15.98 -22.77 -38.84
CA GLU B 63 -15.37 -22.91 -40.14
C GLU B 63 -15.40 -21.54 -40.83
N ASN B 64 -14.52 -21.36 -41.81
CA ASN B 64 -14.43 -20.10 -42.51
C ASN B 64 -15.80 -19.80 -43.12
N GLY B 65 -16.24 -18.54 -43.04
CA GLY B 65 -17.49 -18.13 -43.68
C GLY B 65 -18.73 -18.45 -42.85
N TYR B 66 -18.56 -19.12 -41.69
CA TYR B 66 -19.67 -19.37 -40.77
C TYR B 66 -20.28 -18.05 -40.29
N ILE B 67 -21.61 -17.96 -40.32
CA ILE B 67 -22.32 -16.85 -39.69
C ILE B 67 -23.61 -17.38 -39.08
N ASP B 68 -23.95 -16.92 -37.86
CA ASP B 68 -25.17 -17.31 -37.19
C ASP B 68 -26.11 -16.12 -37.13
N LYS B 69 -27.07 -16.05 -38.07
CA LYS B 69 -27.96 -14.92 -38.15
C LYS B 69 -29.09 -15.03 -37.12
N ASP B 70 -29.08 -16.12 -36.34
CA ASP B 70 -30.04 -16.29 -35.26
C ASP B 70 -29.55 -15.74 -33.93
N THR B 71 -28.28 -15.31 -33.85
CA THR B 71 -27.73 -14.73 -32.64
C THR B 71 -27.28 -13.30 -32.94
N THR B 72 -27.87 -12.32 -32.25
CA THR B 72 -27.39 -10.94 -32.26
C THR B 72 -26.60 -10.69 -30.98
N LEU B 73 -25.37 -10.18 -31.10
CA LEU B 73 -24.51 -9.90 -29.95
C LEU B 73 -24.07 -8.44 -29.96
N SER B 74 -23.77 -7.90 -28.77
CA SER B 74 -23.13 -6.60 -28.63
C SER B 74 -21.70 -6.77 -28.13
N LEU B 75 -20.73 -6.19 -28.88
CA LEU B 75 -19.34 -6.16 -28.49
C LEU B 75 -18.87 -4.71 -28.38
N SER B 76 -17.77 -4.50 -27.63
CA SER B 76 -17.18 -3.18 -27.53
C SER B 76 -15.67 -3.24 -27.35
N GLY B 77 -14.99 -2.20 -27.86
CA GLY B 77 -13.56 -2.03 -27.70
C GLY B 77 -13.11 -0.69 -28.32
N ARG B 78 -11.79 -0.47 -28.37
CA ARG B 78 -11.23 0.70 -29.04
C ARG B 78 -10.95 0.35 -30.50
N VAL B 79 -11.29 1.24 -31.44
CA VAL B 79 -11.00 1.02 -32.86
C VAL B 79 -9.50 1.14 -33.13
N THR B 80 -8.89 0.05 -33.61
CA THR B 80 -7.48 0.06 -33.97
C THR B 80 -7.30 0.10 -35.48
N SER B 81 -8.37 -0.08 -36.28
CA SER B 81 -8.24 -0.11 -37.73
C SER B 81 -9.57 0.22 -38.41
N ILE B 82 -9.48 0.99 -39.49
CA ILE B 82 -10.60 1.27 -40.38
C ILE B 82 -10.12 1.10 -41.82
N ARG B 83 -10.79 0.22 -42.56
CA ARG B 83 -10.57 0.00 -43.98
C ARG B 83 -11.92 -0.13 -44.65
N SER B 84 -11.93 0.09 -45.97
CA SER B 84 -13.14 0.03 -46.76
C SER B 84 -12.77 -0.42 -48.17
N SER B 85 -13.67 -1.19 -48.79
CA SER B 85 -13.60 -1.56 -50.20
C SER B 85 -14.63 -0.78 -51.02
N SER B 86 -15.65 -0.20 -50.37
CA SER B 86 -16.62 0.58 -51.11
C SER B 86 -17.34 1.53 -50.17
N SER B 87 -18.30 2.30 -50.70
CA SER B 87 -19.15 3.10 -49.83
C SER B 87 -20.14 2.20 -49.08
N LYS B 88 -20.12 0.88 -49.33
CA LYS B 88 -21.12 -0.03 -48.79
C LYS B 88 -20.53 -1.08 -47.86
N LEU B 89 -19.19 -1.15 -47.77
CA LEU B 89 -18.56 -2.20 -46.98
C LEU B 89 -17.31 -1.63 -46.28
N ILE B 90 -17.35 -1.66 -44.93
CA ILE B 90 -16.29 -1.13 -44.07
C ILE B 90 -15.86 -2.22 -43.11
N PHE B 91 -14.53 -2.32 -42.92
CA PHE B 91 -13.88 -3.27 -42.02
C PHE B 91 -13.22 -2.51 -40.87
N TYR B 92 -13.64 -2.84 -39.64
CA TYR B 92 -13.02 -2.35 -38.43
C TYR B 92 -12.27 -3.48 -37.72
N ASP B 93 -11.22 -3.09 -36.99
CA ASP B 93 -10.74 -3.85 -35.85
C ASP B 93 -11.02 -3.10 -34.55
N ILE B 94 -11.55 -3.81 -33.56
CA ILE B 94 -11.66 -3.32 -32.20
C ILE B 94 -10.81 -4.20 -31.30
N PHE B 95 -10.24 -3.55 -30.28
CA PHE B 95 -9.36 -4.20 -29.33
C PHE B 95 -9.87 -3.91 -27.91
N CYS B 96 -9.92 -4.96 -27.09
CA CYS B 96 -10.31 -4.86 -25.68
C CYS B 96 -9.82 -6.10 -24.93
N GLU B 97 -9.25 -5.89 -23.74
CA GLU B 97 -8.90 -6.99 -22.84
C GLU B 97 -7.99 -7.99 -23.58
N GLU B 98 -7.00 -7.43 -24.31
CA GLU B 98 -5.95 -8.18 -24.99
C GLU B 98 -6.47 -8.96 -26.21
N GLN B 99 -7.65 -8.63 -26.75
CA GLN B 99 -8.21 -9.41 -27.83
C GLN B 99 -8.68 -8.47 -28.95
N LYS B 100 -8.32 -8.82 -30.18
CA LYS B 100 -8.77 -8.09 -31.36
C LYS B 100 -9.92 -8.87 -32.00
N VAL B 101 -10.95 -8.17 -32.45
CA VAL B 101 -12.01 -8.78 -33.23
C VAL B 101 -12.27 -7.87 -34.44
N GLN B 102 -12.48 -8.50 -35.62
CA GLN B 102 -12.81 -7.75 -36.82
C GLN B 102 -14.32 -7.53 -36.87
N ILE B 103 -14.72 -6.31 -37.29
CA ILE B 103 -16.11 -6.01 -37.48
C ILE B 103 -16.29 -5.75 -38.99
N ILE B 104 -17.26 -6.45 -39.60
CA ILE B 104 -17.62 -6.26 -41.00
C ILE B 104 -18.98 -5.58 -41.06
N ALA B 105 -18.97 -4.32 -41.48
CA ALA B 105 -20.15 -3.50 -41.60
C ALA B 105 -20.54 -3.40 -43.09
N ASN B 106 -21.54 -4.20 -43.47
CA ASN B 106 -22.13 -4.19 -44.79
C ASN B 106 -23.42 -3.38 -44.77
N ILE B 107 -23.59 -2.42 -45.71
CA ILE B 107 -24.80 -1.61 -45.72
C ILE B 107 -26.06 -2.48 -45.76
N MET B 108 -25.99 -3.68 -46.38
CA MET B 108 -27.14 -4.57 -46.51
C MET B 108 -27.71 -4.93 -45.13
N GLU B 109 -26.87 -4.93 -44.09
CA GLU B 109 -27.29 -5.38 -42.76
C GLU B 109 -27.64 -4.20 -41.85
N HIS B 110 -27.47 -2.98 -42.34
CA HIS B 110 -27.51 -1.84 -41.47
C HIS B 110 -28.94 -1.56 -41.02
N ASP B 111 -29.12 -1.43 -39.70
CA ASP B 111 -30.39 -1.00 -39.15
C ASP B 111 -30.55 0.51 -39.36
N ILE B 112 -31.42 0.92 -40.30
CA ILE B 112 -31.57 2.33 -40.66
C ILE B 112 -32.20 3.15 -39.54
N SER B 113 -32.80 2.51 -38.53
CA SER B 113 -33.32 3.25 -37.38
C SER B 113 -32.20 3.94 -36.58
N THR B 114 -30.96 3.43 -36.64
CA THR B 114 -29.82 4.08 -36.01
C THR B 114 -29.26 5.19 -36.89
N GLY B 115 -29.85 5.41 -38.07
CA GLY B 115 -29.40 6.41 -39.03
C GLY B 115 -28.98 5.77 -40.37
N GLU B 116 -28.72 6.61 -41.35
CA GLU B 116 -28.15 6.17 -42.62
C GLU B 116 -26.73 5.64 -42.40
N PHE B 117 -26.39 4.59 -43.16
CA PHE B 117 -25.14 3.87 -43.00
C PHE B 117 -23.96 4.85 -43.01
N SER B 118 -23.94 5.71 -44.01
CA SER B 118 -22.78 6.57 -44.21
C SER B 118 -22.68 7.60 -43.09
N VAL B 119 -23.83 8.04 -42.54
CA VAL B 119 -23.85 8.99 -41.44
C VAL B 119 -23.27 8.30 -40.19
N SER B 120 -23.85 7.15 -39.85
CA SER B 120 -23.41 6.31 -38.75
C SER B 120 -21.89 6.08 -38.77
N HIS B 121 -21.34 5.73 -39.93
CA HIS B 121 -19.94 5.32 -39.99
C HIS B 121 -19.02 6.54 -40.11
N SER B 122 -19.58 7.69 -40.50
CA SER B 122 -18.77 8.88 -40.69
C SER B 122 -18.39 9.49 -39.35
N GLU B 123 -19.10 9.10 -38.28
CA GLU B 123 -18.84 9.56 -36.93
C GLU B 123 -17.71 8.77 -36.26
N ILE B 124 -17.25 7.68 -36.86
CA ILE B 124 -16.28 6.80 -36.23
C ILE B 124 -14.89 7.07 -36.78
N ARG B 125 -13.91 7.17 -35.88
CA ARG B 125 -12.51 7.33 -36.23
C ARG B 125 -11.66 6.30 -35.49
N ARG B 126 -10.46 6.06 -35.99
CA ARG B 126 -9.52 5.20 -35.29
C ARG B 126 -9.21 5.82 -33.94
N GLY B 127 -9.20 5.00 -32.90
CA GLY B 127 -8.97 5.48 -31.54
C GLY B 127 -10.26 5.62 -30.74
N ASP B 128 -11.42 5.69 -31.41
CA ASP B 128 -12.69 5.83 -30.73
C ASP B 128 -13.04 4.53 -29.99
N VAL B 129 -13.65 4.70 -28.82
CA VAL B 129 -14.29 3.60 -28.11
C VAL B 129 -15.69 3.46 -28.67
N VAL B 130 -16.04 2.23 -29.05
CA VAL B 130 -17.29 2.02 -29.77
C VAL B 130 -17.92 0.70 -29.35
N GLY B 131 -19.24 0.66 -29.60
CA GLY B 131 -20.02 -0.57 -29.53
C GLY B 131 -20.59 -0.94 -30.89
N PHE B 132 -20.74 -2.25 -31.13
CA PHE B 132 -21.37 -2.80 -32.32
C PHE B 132 -22.37 -3.88 -31.91
N THR B 133 -23.43 -4.05 -32.70
CA THR B 133 -24.30 -5.21 -32.60
C THR B 133 -24.28 -5.94 -33.94
N GLY B 134 -24.41 -7.28 -33.91
CA GLY B 134 -24.44 -8.05 -35.13
C GLY B 134 -24.33 -9.55 -34.86
N PHE B 135 -24.01 -10.29 -35.94
CA PHE B 135 -24.06 -11.74 -35.96
C PHE B 135 -22.64 -12.26 -35.85
N PRO B 136 -22.40 -13.32 -35.07
CA PRO B 136 -21.06 -13.88 -34.92
C PRO B 136 -20.68 -14.79 -36.09
N GLY B 137 -19.37 -14.88 -36.31
CA GLY B 137 -18.82 -15.89 -37.18
C GLY B 137 -17.42 -15.53 -37.62
N LYS B 138 -17.18 -15.77 -38.92
CA LYS B 138 -15.84 -15.77 -39.48
C LYS B 138 -15.95 -15.43 -40.96
N SER B 139 -15.08 -14.51 -41.41
CA SER B 139 -15.00 -14.14 -42.82
C SER B 139 -14.63 -15.37 -43.65
N LYS B 140 -14.79 -15.29 -44.97
CA LYS B 140 -14.42 -16.40 -45.84
C LYS B 140 -12.92 -16.65 -45.74
N ARG B 141 -12.15 -15.59 -45.47
CA ARG B 141 -10.71 -15.72 -45.30
C ARG B 141 -10.33 -16.31 -43.95
N GLY B 142 -11.29 -16.52 -43.03
CA GLY B 142 -11.01 -17.18 -41.76
C GLY B 142 -10.74 -16.23 -40.59
N GLU B 143 -11.11 -14.95 -40.72
CA GLU B 143 -10.96 -13.94 -39.67
C GLU B 143 -12.16 -13.98 -38.73
N LEU B 144 -11.90 -14.19 -37.43
CA LEU B 144 -12.90 -14.02 -36.39
C LEU B 144 -13.51 -12.62 -36.50
N SER B 145 -14.85 -12.56 -36.63
CA SER B 145 -15.54 -11.35 -37.04
C SER B 145 -16.92 -11.26 -36.40
N LEU B 146 -17.41 -10.02 -36.35
CA LEU B 146 -18.81 -9.73 -36.11
C LEU B 146 -19.33 -9.04 -37.35
N PHE B 147 -20.45 -9.54 -37.88
CA PHE B 147 -21.14 -8.95 -39.01
C PHE B 147 -22.19 -7.99 -38.46
N SER B 148 -21.83 -6.71 -38.46
CA SER B 148 -22.51 -5.73 -37.66
C SER B 148 -23.79 -5.29 -38.34
N LYS B 149 -24.79 -4.97 -37.52
CA LYS B 149 -25.99 -4.30 -37.97
C LYS B 149 -26.01 -2.83 -37.54
N SER B 150 -25.20 -2.47 -36.53
CA SER B 150 -25.19 -1.11 -36.03
C SER B 150 -23.85 -0.78 -35.37
N VAL B 151 -23.64 0.52 -35.16
CA VAL B 151 -22.47 1.02 -34.44
C VAL B 151 -22.91 2.16 -33.53
N VAL B 152 -22.30 2.23 -32.34
CA VAL B 152 -22.51 3.33 -31.41
C VAL B 152 -21.16 3.93 -31.07
N LEU B 153 -21.06 5.25 -31.18
CA LEU B 153 -19.89 5.97 -30.68
C LEU B 153 -20.08 6.17 -29.17
N LEU B 154 -19.18 5.56 -28.36
CA LEU B 154 -19.34 5.60 -26.91
C LEU B 154 -18.46 6.69 -26.32
N SER B 155 -17.19 6.74 -26.79
CA SER B 155 -16.25 7.76 -26.34
C SER B 155 -15.22 8.06 -27.42
N PRO B 156 -15.32 9.24 -28.09
CA PRO B 156 -14.43 9.58 -29.19
C PRO B 156 -13.03 9.94 -28.70
N CYS B 157 -12.06 9.71 -29.59
CA CYS B 157 -10.71 10.20 -29.40
C CYS B 157 -10.53 11.48 -30.21
N TYR B 158 -10.11 12.55 -29.52
CA TYR B 158 -10.10 13.88 -30.13
C TYR B 158 -8.73 14.20 -30.72
N HIS B 159 -7.85 13.19 -30.77
CA HIS B 159 -6.48 13.39 -31.21
C HIS B 159 -6.12 12.28 -32.19
N MET B 160 -5.34 12.63 -33.22
CA MET B 160 -4.85 11.64 -34.15
C MET B 160 -3.78 10.81 -33.45
N LEU B 161 -3.92 9.50 -33.51
CA LEU B 161 -3.03 8.58 -32.82
C LEU B 161 -2.08 7.96 -33.83
N PRO B 162 -0.87 7.55 -33.43
CA PRO B 162 -0.10 6.62 -34.24
C PRO B 162 -0.69 5.23 -34.13
N THR B 163 -0.18 4.27 -34.90
CA THR B 163 -0.61 2.89 -34.74
C THR B 163 0.33 2.15 -33.79
N ALA B 164 1.46 2.78 -33.40
CA ALA B 164 2.43 2.16 -32.51
C ALA B 164 3.30 3.24 -31.87
N ILE B 165 4.03 2.87 -30.81
CA ILE B 165 4.74 3.85 -30.00
C ILE B 165 5.82 4.54 -30.83
N SER B 166 6.29 3.88 -31.91
CA SER B 166 7.31 4.49 -32.74
C SER B 166 6.79 5.76 -33.41
N GLY B 167 5.46 5.86 -33.57
CA GLY B 167 4.80 7.03 -34.15
C GLY B 167 4.66 8.24 -33.20
N LEU B 168 5.00 8.08 -31.91
CA LEU B 168 4.94 9.18 -30.94
C LEU B 168 6.04 10.19 -31.24
N LYS B 169 5.80 11.47 -30.88
CA LYS B 169 6.73 12.56 -31.17
C LYS B 169 8.07 12.30 -30.48
N ASP B 170 8.05 11.70 -29.28
CA ASP B 170 9.26 11.13 -28.68
C ASP B 170 8.86 10.14 -27.59
N GLN B 171 9.80 9.26 -27.20
CA GLN B 171 9.48 8.10 -26.40
C GLN B 171 9.09 8.47 -24.96
N GLU B 172 9.48 9.67 -24.48
CA GLU B 172 9.14 10.09 -23.14
C GLU B 172 7.65 10.48 -23.07
N VAL B 173 6.95 10.55 -24.21
CA VAL B 173 5.48 10.66 -24.18
C VAL B 173 4.88 9.42 -23.49
N ARG B 174 5.56 8.28 -23.60
CA ARG B 174 5.10 7.03 -23.00
C ARG B 174 4.93 7.17 -21.49
N TYR B 175 5.73 8.04 -20.86
CA TYR B 175 5.77 8.20 -19.41
C TYR B 175 4.94 9.41 -18.97
N ARG B 176 4.91 10.46 -19.79
CA ARG B 176 4.12 11.64 -19.45
C ARG B 176 2.65 11.40 -19.75
N GLN B 177 2.37 10.51 -20.70
CA GLN B 177 1.01 10.21 -21.10
C GLN B 177 0.89 8.69 -21.17
N ARG B 178 0.92 8.05 -20.00
CA ARG B 178 1.07 6.61 -19.91
C ARG B 178 -0.11 5.90 -20.56
N TYR B 179 -1.27 6.57 -20.61
CA TYR B 179 -2.42 5.96 -21.26
C TYR B 179 -2.11 5.66 -22.73
N LEU B 180 -1.29 6.48 -23.39
CA LEU B 180 -0.93 6.26 -24.79
C LEU B 180 -0.05 5.03 -24.91
N ASP B 181 0.93 4.87 -24.01
CA ASP B 181 1.76 3.69 -24.00
C ASP B 181 0.89 2.43 -23.83
N LEU B 182 -0.02 2.44 -22.85
CA LEU B 182 -0.85 1.27 -22.56
C LEU B 182 -1.76 0.94 -23.73
N MET B 183 -2.29 1.99 -24.38
CA MET B 183 -3.16 1.89 -25.54
C MET B 183 -2.49 1.14 -26.69
N LEU B 184 -1.21 1.47 -26.91
CA LEU B 184 -0.50 1.12 -28.14
C LEU B 184 0.46 -0.05 -27.95
N ASN B 185 0.86 -0.36 -26.71
CA ASN B 185 2.13 -1.07 -26.46
C ASN B 185 1.89 -2.22 -25.49
N GLU B 186 1.74 -3.41 -26.08
CA GLU B 186 1.50 -4.63 -25.32
C GLU B 186 2.59 -4.85 -24.27
N GLU B 187 3.84 -4.48 -24.57
CA GLU B 187 4.94 -4.74 -23.65
C GLU B 187 4.76 -3.98 -22.33
N SER B 188 4.24 -2.75 -22.39
CA SER B 188 4.04 -1.98 -21.17
C SER B 188 2.97 -2.65 -20.32
N ARG B 189 1.88 -3.09 -20.95
CA ARG B 189 0.82 -3.76 -20.23
C ARG B 189 1.33 -5.02 -19.54
N LYS B 190 2.19 -5.78 -20.22
CA LYS B 190 2.74 -7.01 -19.66
C LYS B 190 3.59 -6.72 -18.42
N VAL B 191 4.35 -5.62 -18.40
CA VAL B 191 5.19 -5.31 -17.26
C VAL B 191 4.36 -5.13 -15.99
N PHE B 192 3.25 -4.39 -16.11
CA PHE B 192 2.43 -4.06 -14.95
C PHE B 192 1.67 -5.30 -14.47
N LYS B 193 1.40 -6.25 -15.38
CA LYS B 193 0.78 -7.51 -15.02
C LYS B 193 1.81 -8.37 -14.30
N LEU B 194 3.05 -8.39 -14.81
CA LEU B 194 4.10 -9.14 -14.14
C LEU B 194 4.34 -8.60 -12.73
N ARG B 195 4.26 -7.27 -12.56
CA ARG B 195 4.50 -6.63 -11.28
C ARG B 195 3.46 -7.09 -10.26
N SER B 196 2.18 -7.09 -10.64
CA SER B 196 1.10 -7.58 -9.80
C SER B 196 1.35 -9.04 -9.41
N ARG B 197 1.70 -9.87 -10.39
CA ARG B 197 1.92 -11.28 -10.15
C ARG B 197 3.06 -11.50 -9.15
N ALA B 198 4.15 -10.75 -9.30
CA ALA B 198 5.29 -10.85 -8.42
C ALA B 198 4.93 -10.47 -6.99
N ILE B 199 4.13 -9.41 -6.81
CA ILE B 199 3.77 -8.97 -5.47
C ILE B 199 2.84 -10.02 -4.85
N LYS B 200 1.92 -10.61 -5.64
CA LYS B 200 1.08 -11.71 -5.16
C LYS B 200 1.94 -12.86 -4.65
N TYR B 201 2.99 -13.18 -5.39
CA TYR B 201 3.85 -14.29 -5.00
C TYR B 201 4.53 -14.00 -3.66
N ILE B 202 4.96 -12.75 -3.47
CA ILE B 202 5.70 -12.36 -2.29
C ILE B 202 4.78 -12.39 -1.07
N ARG B 203 3.57 -11.82 -1.20
CA ARG B 203 2.62 -11.84 -0.11
C ARG B 203 2.34 -13.29 0.31
N ASN B 204 2.08 -14.15 -0.68
CA ASN B 204 1.74 -15.54 -0.40
C ASN B 204 2.89 -16.22 0.37
N TYR B 205 4.14 -15.97 -0.04
CA TYR B 205 5.29 -16.55 0.63
C TYR B 205 5.25 -16.27 2.13
N PHE B 206 5.03 -15.01 2.53
CA PHE B 206 5.03 -14.61 3.93
C PHE B 206 3.72 -14.98 4.66
N ASP B 207 2.58 -14.87 3.97
CA ASP B 207 1.30 -15.31 4.53
C ASP B 207 1.38 -16.78 4.95
N ARG B 208 1.96 -17.61 4.08
CA ARG B 208 2.12 -19.02 4.38
C ARG B 208 3.05 -19.23 5.59
N LEU B 209 3.93 -18.27 5.92
CA LEU B 209 4.77 -18.35 7.10
C LEU B 209 4.09 -17.81 8.36
N GLY B 210 2.85 -17.32 8.25
CA GLY B 210 2.11 -16.81 9.41
C GLY B 210 2.40 -15.34 9.66
N PHE B 211 2.90 -14.61 8.67
CA PHE B 211 3.13 -13.18 8.88
C PHE B 211 1.80 -12.42 8.93
N LEU B 212 1.80 -11.29 9.65
CA LEU B 212 0.73 -10.30 9.61
C LEU B 212 1.16 -9.06 8.84
N GLU B 213 0.36 -8.70 7.84
CA GLU B 213 0.58 -7.48 7.09
C GLU B 213 0.02 -6.30 7.88
N VAL B 214 0.81 -5.23 7.96
CA VAL B 214 0.49 -4.06 8.74
C VAL B 214 0.71 -2.81 7.88
N GLU B 215 0.17 -1.70 8.39
CA GLU B 215 0.36 -0.38 7.82
C GLU B 215 0.81 0.56 8.93
N THR B 216 1.93 1.27 8.71
CA THR B 216 2.45 2.23 9.68
C THR B 216 2.49 3.61 9.02
N PRO B 217 2.61 4.70 9.81
CA PRO B 217 2.44 6.05 9.28
C PRO B 217 3.43 6.47 8.20
N MET B 218 2.89 7.11 7.17
CA MET B 218 3.69 7.75 6.15
C MET B 218 3.98 9.23 6.50
N LEU B 219 3.17 9.78 7.40
CA LEU B 219 3.40 11.10 7.97
C LEU B 219 4.01 10.94 9.34
N ASN B 220 5.16 11.58 9.55
CA ASN B 220 6.02 11.34 10.70
C ASN B 220 6.38 12.71 11.30
N MET B 221 6.30 12.85 12.63
CA MET B 221 6.94 13.93 13.36
C MET B 221 8.45 13.96 13.17
N ILE B 222 9.08 12.77 13.13
CA ILE B 222 10.52 12.60 12.94
C ILE B 222 10.73 11.51 11.88
N TYR B 223 11.60 11.73 10.91
CA TYR B 223 11.88 10.70 9.92
C TYR B 223 13.08 9.87 10.36
N GLY B 224 13.15 8.61 9.92
CA GLY B 224 14.31 7.78 10.18
C GLY B 224 14.22 6.41 9.52
N GLY B 225 15.27 5.60 9.71
CA GLY B 225 15.32 4.22 9.28
C GLY B 225 16.04 4.05 7.95
N ALA B 226 16.62 5.15 7.45
CA ALA B 226 17.38 5.10 6.22
C ALA B 226 18.28 6.32 6.13
N ALA B 227 19.14 6.33 5.11
CA ALA B 227 20.07 7.42 4.87
C ALA B 227 19.56 8.22 3.69
N ALA B 228 18.78 9.28 3.96
CA ALA B 228 18.04 9.91 2.87
C ALA B 228 17.55 11.28 3.29
N ARG B 229 17.36 12.13 2.29
CA ARG B 229 16.83 13.44 2.54
C ARG B 229 15.31 13.32 2.46
N PRO B 230 14.53 13.87 3.41
CA PRO B 230 13.08 13.72 3.37
C PRO B 230 12.32 14.82 2.65
N PHE B 231 11.07 14.50 2.29
CA PHE B 231 10.07 15.51 2.01
C PHE B 231 9.52 16.06 3.32
N ILE B 232 9.29 17.38 3.30
CA ILE B 232 8.77 18.12 4.45
C ILE B 232 7.38 18.65 4.10
N THR B 233 6.46 18.57 5.06
CA THR B 233 5.13 19.11 4.88
C THR B 233 4.66 19.71 6.22
N TYR B 234 3.37 20.03 6.29
CA TYR B 234 2.78 20.75 7.40
C TYR B 234 1.31 20.38 7.59
N HIS B 235 0.96 20.07 8.84
CA HIS B 235 -0.42 19.82 9.25
C HIS B 235 -0.97 21.09 9.86
N ASN B 236 -1.91 21.74 9.17
CA ASN B 236 -2.31 23.10 9.52
C ASN B 236 -3.04 23.12 10.87
N GLU B 237 -4.00 22.19 11.06
CA GLU B 237 -4.79 22.14 12.29
C GLU B 237 -3.91 21.92 13.53
N LEU B 238 -2.93 21.04 13.46
CA LEU B 238 -2.06 20.77 14.60
C LEU B 238 -0.83 21.68 14.59
N GLU B 239 -0.70 22.54 13.58
CA GLU B 239 0.39 23.50 13.49
C GLU B 239 1.74 22.81 13.69
N THR B 240 2.01 21.75 12.93
CA THR B 240 3.21 20.95 13.11
C THR B 240 3.78 20.57 11.76
N GLN B 241 5.09 20.79 11.65
CA GLN B 241 5.86 20.30 10.54
C GLN B 241 5.90 18.78 10.63
N LEU B 242 5.80 18.13 9.48
CA LEU B 242 5.87 16.68 9.38
C LEU B 242 6.86 16.33 8.28
N TYR B 243 7.28 15.05 8.28
CA TYR B 243 8.12 14.47 7.28
C TYR B 243 7.40 13.27 6.69
N MET B 244 7.57 13.08 5.39
CA MET B 244 7.10 11.85 4.76
C MET B 244 8.15 10.79 5.09
N ARG B 245 7.69 9.56 5.31
CA ARG B 245 8.61 8.53 5.76
C ARG B 245 9.63 8.24 4.68
N ILE B 246 10.88 8.08 5.12
CA ILE B 246 11.91 7.55 4.23
C ILE B 246 11.94 6.03 4.31
N ALA B 247 11.45 5.46 5.41
CA ALA B 247 11.37 4.02 5.64
C ALA B 247 10.42 3.78 6.81
N PRO B 248 9.74 2.61 6.88
CA PRO B 248 8.88 2.27 8.02
C PRO B 248 9.51 1.60 9.24
N GLU B 249 10.84 1.41 9.20
CA GLU B 249 11.56 0.52 10.09
C GLU B 249 11.31 0.82 11.56
N LEU B 250 11.35 2.10 11.95
CA LEU B 250 11.26 2.48 13.34
C LEU B 250 9.86 2.24 13.92
N TYR B 251 8.80 2.31 13.10
CA TYR B 251 7.51 1.85 13.57
C TYR B 251 7.46 0.32 13.60
N LEU B 252 7.91 -0.32 12.54
CA LEU B 252 7.73 -1.78 12.47
C LEU B 252 8.39 -2.50 13.64
N LYS B 253 9.54 -2.01 14.11
CA LYS B 253 10.21 -2.63 15.26
C LYS B 253 9.37 -2.54 16.53
N GLN B 254 8.62 -1.46 16.71
CA GLN B 254 7.74 -1.32 17.86
C GLN B 254 6.66 -2.39 17.89
N LEU B 255 6.30 -2.93 16.73
CA LEU B 255 5.29 -3.97 16.66
C LEU B 255 5.88 -5.30 17.13
N ILE B 256 7.20 -5.47 17.01
CA ILE B 256 7.86 -6.68 17.52
C ILE B 256 7.97 -6.55 19.05
N VAL B 257 8.25 -5.34 19.55
CA VAL B 257 8.18 -5.11 20.99
C VAL B 257 6.78 -5.49 21.48
N GLY B 258 5.75 -5.13 20.69
CA GLY B 258 4.35 -5.41 20.99
C GLY B 258 3.96 -6.88 20.94
N GLY B 259 4.83 -7.76 20.40
CA GLY B 259 4.61 -9.19 20.45
C GLY B 259 3.93 -9.75 19.19
N LEU B 260 3.89 -9.01 18.07
CA LEU B 260 3.24 -9.47 16.86
C LEU B 260 4.07 -10.52 16.12
N ASP B 261 5.37 -10.60 16.46
CA ASP B 261 6.27 -11.71 16.15
C ASP B 261 6.78 -11.70 14.70
N LYS B 262 5.86 -11.58 13.74
CA LYS B 262 6.17 -11.63 12.32
C LYS B 262 5.28 -10.64 11.60
N VAL B 263 5.86 -9.50 11.18
CA VAL B 263 5.10 -8.48 10.48
C VAL B 263 5.78 -8.10 9.17
N TYR B 264 4.97 -7.68 8.19
CA TYR B 264 5.50 -7.11 6.96
C TYR B 264 4.63 -5.94 6.53
N GLU B 265 5.25 -5.03 5.74
CA GLU B 265 4.53 -3.89 5.16
C GLU B 265 5.05 -3.69 3.75
N ILE B 266 4.14 -3.49 2.81
CA ILE B 266 4.49 -3.17 1.43
C ILE B 266 3.84 -1.84 1.08
N GLY B 267 4.67 -0.82 0.84
CA GLY B 267 4.15 0.49 0.47
C GLY B 267 5.25 1.48 0.11
N LYS B 268 4.83 2.75 -0.02
CA LYS B 268 5.72 3.77 -0.54
C LYS B 268 6.70 4.24 0.53
N ASN B 269 7.91 4.48 0.05
CA ASN B 269 8.89 5.34 0.72
C ASN B 269 9.03 6.60 -0.10
N PHE B 270 9.41 7.69 0.57
CA PHE B 270 9.56 8.97 -0.08
C PHE B 270 10.94 9.51 0.22
N ARG B 271 11.73 9.74 -0.84
CA ARG B 271 13.09 10.22 -0.66
C ARG B 271 13.31 11.38 -1.62
N ASN B 272 13.60 12.54 -1.03
CA ASN B 272 13.64 13.82 -1.72
C ASN B 272 15.05 14.03 -2.31
N GLU B 273 15.28 13.37 -3.44
CA GLU B 273 16.58 13.23 -4.05
C GLU B 273 16.46 13.29 -5.57
N GLY B 274 17.62 13.15 -6.23
CA GLY B 274 17.70 13.12 -7.68
C GLY B 274 17.06 11.86 -8.26
N ILE B 275 16.68 11.94 -9.54
CA ILE B 275 16.09 10.81 -10.24
C ILE B 275 17.05 10.33 -11.31
N ASP B 276 17.05 9.02 -11.57
CA ASP B 276 17.91 8.43 -12.59
C ASP B 276 17.33 7.07 -12.94
N LEU B 277 18.11 6.21 -13.62
CA LEU B 277 17.57 4.95 -14.13
C LEU B 277 17.09 4.01 -13.03
N THR B 278 17.59 4.17 -11.80
CA THR B 278 17.23 3.31 -10.69
C THR B 278 16.71 4.09 -9.48
N HIS B 279 16.33 5.38 -9.67
CA HIS B 279 15.82 6.20 -8.59
C HIS B 279 14.58 7.00 -8.99
N ASN B 280 13.52 6.85 -8.18
CA ASN B 280 12.30 7.65 -8.27
C ASN B 280 12.01 8.20 -6.86
N PRO B 281 11.54 9.46 -6.71
CA PRO B 281 11.34 10.04 -5.38
C PRO B 281 10.33 9.31 -4.50
N GLU B 282 9.39 8.58 -5.12
CA GLU B 282 8.58 7.63 -4.38
C GLU B 282 8.80 6.27 -5.02
N PHE B 283 8.95 5.26 -4.17
CA PHE B 283 9.16 3.91 -4.66
C PHE B 283 8.55 2.93 -3.65
N THR B 284 8.31 1.71 -4.13
CA THR B 284 7.59 0.73 -3.33
C THR B 284 8.63 -0.19 -2.70
N ALA B 285 8.56 -0.27 -1.36
CA ALA B 285 9.44 -1.13 -0.59
C ALA B 285 8.59 -2.08 0.27
N MET B 286 9.15 -3.28 0.47
CA MET B 286 8.66 -4.20 1.48
C MET B 286 9.69 -4.28 2.59
N GLU B 287 9.20 -4.18 3.84
CA GLU B 287 10.00 -4.51 5.01
C GLU B 287 9.28 -5.61 5.79
N PHE B 288 10.08 -6.53 6.35
CA PHE B 288 9.55 -7.48 7.32
C PHE B 288 10.47 -7.53 8.52
N TYR B 289 9.85 -7.86 9.68
CA TYR B 289 10.50 -8.06 10.97
C TYR B 289 10.04 -9.42 11.50
N MET B 290 11.02 -10.24 11.85
CA MET B 290 10.82 -11.60 12.32
C MET B 290 11.55 -11.77 13.65
N ALA B 291 10.80 -11.85 14.76
CA ALA B 291 11.38 -12.19 16.05
C ALA B 291 12.12 -13.53 15.99
N TYR B 292 13.29 -13.54 16.62
CA TYR B 292 14.15 -14.70 16.91
C TYR B 292 14.97 -15.11 15.70
N ALA B 293 14.90 -14.33 14.62
CA ALA B 293 15.76 -14.54 13.46
C ALA B 293 17.00 -13.67 13.59
N ASP B 294 18.12 -14.09 12.97
CA ASP B 294 19.29 -13.25 12.79
C ASP B 294 19.54 -13.13 11.30
N TYR B 295 20.62 -12.45 10.91
CA TYR B 295 20.86 -12.12 9.52
C TYR B 295 21.21 -13.35 8.71
N TYR B 296 21.79 -14.39 9.32
CA TYR B 296 22.03 -15.65 8.62
C TYR B 296 20.69 -16.27 8.18
N ASP B 297 19.74 -16.33 9.10
CA ASP B 297 18.39 -16.76 8.76
C ASP B 297 17.81 -15.95 7.60
N LEU B 298 18.05 -14.63 7.61
CA LEU B 298 17.49 -13.74 6.61
C LEU B 298 18.12 -13.96 5.23
N MET B 299 19.41 -14.29 5.19
CA MET B 299 20.05 -14.63 3.93
C MET B 299 19.40 -15.85 3.31
N ASP B 300 19.11 -16.88 4.12
CA ASP B 300 18.51 -18.11 3.62
C ASP B 300 17.10 -17.85 3.11
N LEU B 301 16.33 -17.03 3.85
CA LEU B 301 15.00 -16.65 3.40
C LEU B 301 15.05 -15.90 2.06
N THR B 302 15.97 -14.96 1.93
CA THR B 302 16.09 -14.16 0.71
C THR B 302 16.32 -15.06 -0.51
N GLU B 303 17.27 -16.00 -0.39
CA GLU B 303 17.57 -16.96 -1.43
C GLU B 303 16.34 -17.75 -1.85
N GLU B 304 15.61 -18.28 -0.87
CA GLU B 304 14.44 -19.09 -1.16
C GLU B 304 13.33 -18.27 -1.80
N LEU B 305 13.04 -17.08 -1.22
CA LEU B 305 11.98 -16.23 -1.79
C LEU B 305 12.32 -15.83 -3.23
N ILE B 306 13.50 -15.24 -3.45
CA ILE B 306 13.82 -14.62 -4.72
C ILE B 306 14.05 -15.69 -5.80
N SER B 307 14.78 -16.76 -5.49
CA SER B 307 15.02 -17.78 -6.49
C SER B 307 13.71 -18.45 -6.90
N GLY B 308 12.83 -18.67 -5.93
CA GLY B 308 11.55 -19.27 -6.22
C GLY B 308 10.68 -18.37 -7.09
N LEU B 309 10.75 -17.04 -6.87
CA LEU B 309 9.96 -16.12 -7.68
C LEU B 309 10.49 -16.10 -9.12
N VAL B 310 11.82 -16.08 -9.26
CA VAL B 310 12.42 -16.09 -10.57
C VAL B 310 11.97 -17.33 -11.34
N LEU B 311 12.03 -18.49 -10.67
CA LEU B 311 11.64 -19.76 -11.27
C LEU B 311 10.16 -19.75 -11.66
N GLU B 312 9.29 -19.21 -10.79
CA GLU B 312 7.89 -19.05 -11.13
C GLU B 312 7.68 -18.22 -12.41
N ILE B 313 8.40 -17.11 -12.55
CA ILE B 313 8.13 -16.17 -13.63
C ILE B 313 8.76 -16.68 -14.93
N HIS B 314 9.97 -17.22 -14.84
CA HIS B 314 10.78 -17.48 -16.02
C HIS B 314 10.82 -18.98 -16.36
N GLY B 315 10.56 -19.86 -15.41
CA GLY B 315 10.63 -21.30 -15.64
C GLY B 315 12.06 -21.82 -15.53
N SER B 316 12.97 -20.95 -15.08
CA SER B 316 14.41 -21.23 -15.01
C SER B 316 15.03 -20.23 -14.07
N LEU B 317 16.22 -20.51 -13.54
CA LEU B 317 16.91 -19.63 -12.60
C LEU B 317 17.91 -18.74 -13.33
N LYS B 318 18.01 -18.92 -14.65
CA LYS B 318 18.93 -18.14 -15.46
C LYS B 318 18.08 -17.29 -16.39
N ILE B 319 18.24 -15.96 -16.27
CA ILE B 319 17.36 -15.05 -16.99
C ILE B 319 18.21 -14.00 -17.71
N PRO B 320 17.73 -13.49 -18.85
CA PRO B 320 18.45 -12.45 -19.59
C PRO B 320 18.28 -11.05 -18.99
N TYR B 321 19.33 -10.25 -19.11
CA TYR B 321 19.24 -8.84 -18.80
C TYR B 321 20.06 -8.04 -19.81
N HIS B 322 19.45 -6.93 -20.28
CA HIS B 322 20.03 -6.12 -21.31
C HIS B 322 20.32 -4.74 -20.75
N PRO B 323 21.52 -4.49 -20.19
CA PRO B 323 21.82 -3.21 -19.56
C PRO B 323 21.72 -2.00 -20.47
N ASP B 324 21.94 -2.19 -21.77
CA ASP B 324 21.95 -1.09 -22.73
C ASP B 324 20.80 -1.22 -23.73
N GLY B 325 19.73 -1.93 -23.35
CA GLY B 325 18.57 -2.02 -24.23
C GLY B 325 18.63 -3.27 -25.09
N PRO B 326 17.52 -3.61 -25.79
CA PRO B 326 17.37 -4.96 -26.38
C PRO B 326 18.27 -5.35 -27.56
N GLU B 327 18.93 -4.37 -28.17
CA GLU B 327 19.83 -4.60 -29.30
C GLU B 327 21.27 -4.64 -28.82
N GLY B 328 21.48 -4.29 -27.54
CA GLY B 328 22.81 -4.28 -26.95
C GLY B 328 23.16 -5.65 -26.39
N LYS B 329 24.25 -5.67 -25.61
CA LYS B 329 24.78 -6.90 -25.05
C LYS B 329 23.76 -7.45 -24.06
N CYS B 330 23.83 -8.77 -23.90
CA CYS B 330 23.00 -9.48 -22.96
C CYS B 330 23.87 -10.19 -21.93
N ILE B 331 23.47 -10.06 -20.66
CA ILE B 331 24.06 -10.81 -19.57
C ILE B 331 23.00 -11.79 -19.06
N GLU B 332 23.43 -13.02 -18.81
CA GLU B 332 22.56 -14.00 -18.20
C GLU B 332 22.79 -13.94 -16.70
N ILE B 333 21.74 -13.64 -15.91
CA ILE B 333 21.84 -13.56 -14.46
C ILE B 333 21.42 -14.92 -13.89
N ASP B 334 22.26 -15.46 -13.01
CA ASP B 334 22.07 -16.80 -12.47
C ASP B 334 21.66 -16.72 -11.00
N PHE B 335 20.42 -17.15 -10.71
CA PHE B 335 19.85 -17.10 -9.37
C PHE B 335 20.00 -18.42 -8.63
N THR B 336 20.70 -19.41 -9.23
CA THR B 336 21.03 -20.65 -8.52
C THR B 336 21.61 -20.32 -7.14
N THR B 337 21.06 -20.98 -6.09
CA THR B 337 21.49 -20.84 -4.70
C THR B 337 22.48 -21.94 -4.32
N PRO B 338 23.34 -21.73 -3.29
CA PRO B 338 23.45 -20.47 -2.56
C PRO B 338 24.20 -19.39 -3.32
N TRP B 339 24.02 -18.13 -2.91
CA TRP B 339 24.63 -17.02 -3.61
C TRP B 339 25.98 -16.69 -2.97
N LYS B 340 26.83 -16.02 -3.76
CA LYS B 340 28.11 -15.55 -3.28
C LYS B 340 27.93 -14.54 -2.16
N ARG B 341 28.82 -14.60 -1.17
CA ARG B 341 28.93 -13.60 -0.13
C ARG B 341 30.23 -12.83 -0.30
N PHE B 342 30.17 -11.51 -0.20
CA PHE B 342 31.38 -10.69 -0.15
C PHE B 342 31.41 -9.98 1.19
N SER B 343 32.50 -10.17 1.94
CA SER B 343 32.70 -9.45 3.19
C SER B 343 33.11 -8.04 2.86
N PHE B 344 32.36 -7.05 3.38
CA PHE B 344 32.46 -5.64 2.99
C PHE B 344 33.91 -5.14 3.08
N VAL B 345 34.52 -5.21 4.27
CA VAL B 345 35.82 -4.60 4.45
C VAL B 345 36.91 -5.40 3.71
N GLU B 346 36.89 -6.73 3.85
CA GLU B 346 37.91 -7.59 3.25
C GLU B 346 37.96 -7.41 1.73
N GLU B 347 36.81 -7.28 1.07
CA GLU B 347 36.81 -7.11 -0.38
C GLU B 347 37.34 -5.73 -0.78
N ILE B 348 37.06 -4.69 0.01
CA ILE B 348 37.68 -3.40 -0.26
C ILE B 348 39.21 -3.54 -0.20
N GLU B 349 39.70 -4.30 0.77
CA GLU B 349 41.13 -4.41 1.00
C GLU B 349 41.77 -5.21 -0.12
N SER B 350 41.08 -6.23 -0.63
CA SER B 350 41.51 -6.96 -1.82
C SER B 350 41.64 -6.03 -3.01
N GLY B 351 40.61 -5.19 -3.22
CA GLY B 351 40.64 -4.20 -4.28
C GLY B 351 41.78 -3.19 -4.13
N LEU B 352 42.08 -2.79 -2.89
CA LEU B 352 43.05 -1.76 -2.60
C LEU B 352 44.46 -2.34 -2.62
N GLY B 353 44.59 -3.64 -2.33
CA GLY B 353 45.89 -4.27 -2.14
C GLY B 353 46.52 -3.88 -0.81
N GLU B 354 45.76 -3.22 0.08
CA GLU B 354 46.24 -2.92 1.42
C GLU B 354 45.04 -2.80 2.37
N LYS B 355 45.36 -2.74 3.66
CA LYS B 355 44.36 -2.73 4.71
C LYS B 355 43.91 -1.30 5.04
N LEU B 356 42.61 -1.18 5.39
CA LEU B 356 42.07 0.02 6.02
C LEU B 356 42.70 0.14 7.41
N LYS B 357 42.80 1.39 7.89
CA LYS B 357 43.38 1.67 9.19
C LYS B 357 42.27 1.48 10.21
N ARG B 358 42.65 1.06 11.41
CA ARG B 358 41.71 0.87 12.51
C ARG B 358 41.99 1.88 13.61
N PRO B 359 41.00 2.38 14.33
CA PRO B 359 39.58 2.11 14.02
C PRO B 359 39.14 2.74 12.69
N LEU B 360 38.09 2.14 12.10
CA LEU B 360 37.60 2.51 10.78
C LEU B 360 37.08 3.95 10.77
N ASP B 361 36.65 4.46 11.92
CA ASP B 361 36.14 5.82 11.96
C ASP B 361 37.17 6.82 12.47
N SER B 362 38.44 6.40 12.61
CA SER B 362 39.48 7.31 13.08
C SER B 362 39.82 8.33 12.01
N GLN B 363 40.46 9.43 12.41
CA GLN B 363 40.89 10.44 11.45
C GLN B 363 41.93 9.84 10.51
N GLU B 364 42.74 8.91 11.02
CA GLU B 364 43.76 8.26 10.21
C GLU B 364 43.11 7.49 9.05
N ASN B 365 42.03 6.75 9.35
CA ASN B 365 41.38 5.96 8.31
C ASN B 365 40.63 6.88 7.34
N ILE B 366 40.00 7.94 7.87
CA ILE B 366 39.37 8.92 6.99
C ILE B 366 40.40 9.44 5.97
N ASP B 367 41.55 9.92 6.47
CA ASP B 367 42.63 10.44 5.62
C ASP B 367 43.06 9.40 4.59
N PHE B 368 43.21 8.16 5.03
CA PHE B 368 43.65 7.10 4.14
C PHE B 368 42.58 6.81 3.07
N MET B 369 41.32 6.75 3.49
CA MET B 369 40.25 6.46 2.53
C MET B 369 40.14 7.57 1.49
N VAL B 370 40.37 8.83 1.91
CA VAL B 370 40.39 9.95 0.98
C VAL B 370 41.51 9.77 -0.04
N GLU B 371 42.70 9.38 0.43
CA GLU B 371 43.83 9.14 -0.47
C GLU B 371 43.46 8.06 -1.49
N MET B 372 42.84 6.98 -1.01
CA MET B 372 42.50 5.84 -1.85
C MET B 372 41.44 6.24 -2.89
N CYS B 373 40.45 7.03 -2.49
CA CYS B 373 39.45 7.51 -3.44
C CYS B 373 40.13 8.33 -4.54
N GLU B 374 41.09 9.17 -4.17
CA GLU B 374 41.81 9.99 -5.13
C GLU B 374 42.64 9.09 -6.04
N LYS B 375 43.32 8.10 -5.45
CA LYS B 375 44.16 7.21 -6.21
C LYS B 375 43.36 6.42 -7.25
N HIS B 376 42.18 5.90 -6.88
CA HIS B 376 41.40 5.05 -7.78
C HIS B 376 40.26 5.84 -8.45
N GLU B 377 40.37 7.17 -8.44
CA GLU B 377 39.48 8.06 -9.17
C GLU B 377 38.03 7.83 -8.76
N ILE B 378 37.79 7.74 -7.46
CA ILE B 378 36.44 7.64 -6.92
C ILE B 378 36.06 9.03 -6.45
N GLU B 379 34.90 9.52 -6.88
CA GLU B 379 34.42 10.82 -6.45
C GLU B 379 34.28 10.84 -4.93
N LEU B 380 34.81 11.90 -4.32
CA LEU B 380 34.74 12.11 -2.88
C LEU B 380 33.31 12.46 -2.48
N PRO B 381 32.83 11.96 -1.32
CA PRO B 381 31.51 12.35 -0.81
C PRO B 381 31.64 13.64 -0.01
N HIS B 382 30.52 14.29 0.28
CA HIS B 382 30.51 15.42 1.20
C HIS B 382 29.38 15.24 2.20
N PRO B 383 29.60 15.38 3.54
CA PRO B 383 30.93 15.48 4.14
C PRO B 383 31.70 14.17 4.03
N ARG B 384 32.99 14.26 4.39
CA ARG B 384 33.89 13.13 4.26
C ARG B 384 33.87 12.31 5.54
N THR B 385 32.70 11.77 5.88
CA THR B 385 32.55 10.90 7.04
C THR B 385 33.13 9.55 6.69
N ALA B 386 33.58 8.82 7.71
CA ALA B 386 34.03 7.45 7.53
C ALA B 386 32.95 6.66 6.77
N ALA B 387 31.67 6.80 7.19
CA ALA B 387 30.57 6.05 6.60
C ALA B 387 30.47 6.31 5.10
N LYS B 388 30.55 7.59 4.70
CA LYS B 388 30.38 7.96 3.30
C LYS B 388 31.55 7.48 2.45
N LEU B 389 32.76 7.58 3.00
CA LEU B 389 33.96 7.09 2.33
C LEU B 389 33.93 5.57 2.15
N LEU B 390 33.53 4.84 3.18
CA LEU B 390 33.44 3.39 3.10
C LEU B 390 32.48 2.98 1.98
N ASP B 391 31.37 3.72 1.90
CA ASP B 391 30.35 3.47 0.91
C ASP B 391 30.95 3.69 -0.48
N LYS B 392 31.76 4.74 -0.66
CA LYS B 392 32.36 5.03 -1.96
C LYS B 392 33.27 3.88 -2.36
N LEU B 393 34.04 3.38 -1.41
CA LEU B 393 34.98 2.30 -1.71
C LEU B 393 34.22 1.02 -2.01
N ALA B 394 33.14 0.76 -1.26
CA ALA B 394 32.31 -0.40 -1.54
C ALA B 394 31.69 -0.30 -2.94
N GLY B 395 31.24 0.90 -3.30
CA GLY B 395 30.63 1.13 -4.60
C GLY B 395 31.58 0.82 -5.74
N HIS B 396 32.87 1.14 -5.54
CA HIS B 396 33.89 0.96 -6.54
C HIS B 396 34.38 -0.49 -6.59
N PHE B 397 34.70 -1.07 -5.43
CA PHE B 397 35.44 -2.32 -5.38
C PHE B 397 34.55 -3.54 -5.13
N VAL B 398 33.32 -3.36 -4.64
CA VAL B 398 32.59 -4.55 -4.21
C VAL B 398 31.31 -4.70 -5.01
N GLU B 399 30.50 -3.63 -5.07
CA GLU B 399 29.24 -3.68 -5.79
C GLU B 399 29.47 -4.08 -7.26
N THR B 400 30.61 -3.64 -7.81
CA THR B 400 30.94 -3.96 -9.19
C THR B 400 31.26 -5.45 -9.35
N LYS B 401 31.35 -6.24 -8.28
CA LYS B 401 31.55 -7.67 -8.46
C LYS B 401 30.23 -8.43 -8.41
N CYS B 402 29.11 -7.72 -8.21
CA CYS B 402 27.86 -8.37 -7.95
C CYS B 402 27.01 -8.41 -9.23
N THR B 403 27.33 -9.34 -10.12
CA THR B 403 26.54 -9.50 -11.34
C THR B 403 25.36 -10.41 -11.03
N ASN B 404 25.67 -11.67 -10.72
CA ASN B 404 24.69 -12.54 -10.11
C ASN B 404 24.32 -12.03 -8.73
N PRO B 405 23.11 -12.38 -8.22
CA PRO B 405 22.72 -12.01 -6.86
C PRO B 405 23.86 -12.40 -5.94
N SER B 406 24.35 -11.40 -5.21
CA SER B 406 25.44 -11.56 -4.26
C SER B 406 25.15 -10.73 -3.02
N PHE B 407 25.49 -11.29 -1.85
CA PHE B 407 25.35 -10.58 -0.60
C PHE B 407 26.65 -9.87 -0.26
N ILE B 408 26.57 -8.56 -0.02
CA ILE B 408 27.63 -7.87 0.68
C ILE B 408 27.30 -7.88 2.16
N ILE B 409 28.21 -8.37 3.01
CA ILE B 409 27.88 -8.67 4.41
C ILE B 409 28.83 -7.92 5.34
N ASP B 410 28.39 -7.77 6.61
CA ASP B 410 29.25 -7.39 7.71
C ASP B 410 29.71 -5.94 7.60
N HIS B 411 28.77 -5.07 7.24
CA HIS B 411 29.04 -3.65 7.14
C HIS B 411 29.58 -3.09 8.45
N PRO B 412 30.57 -2.19 8.43
CA PRO B 412 30.93 -1.42 9.62
C PRO B 412 29.74 -0.78 10.33
N GLN B 413 29.86 -0.73 11.66
CA GLN B 413 28.90 -0.09 12.55
C GLN B 413 28.75 1.38 12.18
N THR B 414 29.88 2.02 11.87
CA THR B 414 29.89 3.47 11.70
C THR B 414 28.91 3.84 10.58
N MET B 415 28.63 2.92 9.63
CA MET B 415 27.70 3.20 8.54
C MET B 415 26.36 2.48 8.72
N SER B 416 26.11 1.93 9.93
CA SER B 416 25.01 1.00 10.17
C SER B 416 24.40 1.24 11.55
N PRO B 417 23.81 2.44 11.81
CA PRO B 417 23.36 2.79 13.16
C PRO B 417 22.20 2.01 13.79
N LEU B 418 21.46 1.21 12.99
CA LEU B 418 20.38 0.41 13.52
C LEU B 418 20.69 -1.09 13.49
N ALA B 419 21.91 -1.44 13.06
CA ALA B 419 22.32 -2.85 12.94
C ALA B 419 23.12 -3.29 14.16
N LYS B 420 22.82 -4.50 14.64
CA LYS B 420 23.43 -5.00 15.86
C LYS B 420 24.91 -5.36 15.62
N TRP B 421 25.74 -5.10 16.63
CA TRP B 421 27.17 -5.39 16.56
C TRP B 421 27.41 -6.85 16.18
N HIS B 422 28.45 -7.08 15.38
CA HIS B 422 28.74 -8.44 14.92
C HIS B 422 29.19 -9.24 16.14
N ARG B 423 28.64 -10.44 16.29
CA ARG B 423 28.96 -11.27 17.43
C ARG B 423 30.44 -11.68 17.45
N GLU B 424 31.15 -11.61 16.31
CA GLU B 424 32.55 -12.03 16.26
C GLU B 424 33.50 -10.91 15.85
N LYS B 425 33.12 -10.09 14.86
CA LYS B 425 34.07 -9.21 14.21
C LYS B 425 33.93 -7.79 14.77
N PRO B 426 34.98 -7.26 15.45
CA PRO B 426 34.92 -5.90 16.00
C PRO B 426 34.71 -4.84 14.92
N GLU B 427 33.88 -3.85 15.29
CA GLU B 427 33.56 -2.70 14.47
C GLU B 427 32.53 -3.05 13.38
N MET B 428 32.21 -4.34 13.20
CA MET B 428 31.27 -4.72 12.16
C MET B 428 29.88 -4.93 12.77
N THR B 429 28.90 -5.15 11.90
CA THR B 429 27.53 -5.45 12.31
C THR B 429 27.04 -6.68 11.55
N GLU B 430 25.89 -7.19 11.99
CA GLU B 430 25.28 -8.33 11.35
C GLU B 430 24.32 -7.83 10.28
N ARG B 431 24.91 -7.32 9.19
CA ARG B 431 24.16 -6.71 8.11
C ARG B 431 24.52 -7.35 6.78
N PHE B 432 23.55 -7.33 5.86
CA PHE B 432 23.81 -7.63 4.47
C PHE B 432 22.97 -6.71 3.57
N GLU B 433 23.51 -6.49 2.36
CA GLU B 433 22.72 -6.02 1.23
C GLU B 433 22.77 -7.09 0.14
N LEU B 434 21.66 -7.24 -0.58
CA LEU B 434 21.62 -8.01 -1.80
C LEU B 434 21.85 -7.08 -3.00
N PHE B 435 22.83 -7.43 -3.83
CA PHE B 435 23.09 -6.72 -5.09
C PHE B 435 22.86 -7.67 -6.26
N VAL B 436 22.26 -7.11 -7.32
CA VAL B 436 22.12 -7.76 -8.61
C VAL B 436 22.54 -6.75 -9.66
N LEU B 437 23.37 -7.18 -10.61
CA LEU B 437 23.93 -6.30 -11.64
C LEU B 437 24.41 -4.99 -11.03
N GLY B 438 25.06 -5.07 -9.86
CA GLY B 438 25.67 -3.90 -9.26
C GLY B 438 24.66 -2.97 -8.59
N LYS B 439 23.37 -3.35 -8.54
CA LYS B 439 22.34 -2.49 -7.98
C LYS B 439 21.79 -3.08 -6.67
N GLU B 440 21.53 -2.24 -5.66
CA GLU B 440 21.05 -2.72 -4.37
C GLU B 440 19.56 -3.11 -4.47
N LEU B 441 19.24 -4.35 -4.05
CA LEU B 441 17.88 -4.89 -4.03
C LEU B 441 17.32 -4.96 -2.62
N CYS B 442 18.18 -5.43 -1.68
CA CYS B 442 17.77 -5.64 -0.31
C CYS B 442 18.80 -5.07 0.64
N ASN B 443 18.34 -4.85 1.86
CA ASN B 443 19.13 -4.38 2.98
C ASN B 443 18.51 -5.00 4.22
N ALA B 444 19.34 -5.55 5.09
CA ALA B 444 18.83 -6.38 6.17
C ALA B 444 19.85 -6.47 7.29
N TYR B 445 19.37 -6.74 8.51
CA TYR B 445 20.29 -7.01 9.60
C TYR B 445 19.64 -7.70 10.80
N THR B 446 20.50 -8.33 11.62
CA THR B 446 20.16 -8.57 13.02
C THR B 446 19.95 -7.20 13.66
N GLU B 447 18.72 -6.97 14.16
CA GLU B 447 18.33 -5.65 14.62
C GLU B 447 19.01 -5.27 15.93
N LEU B 448 19.52 -4.04 16.04
CA LEU B 448 20.04 -3.56 17.32
C LEU B 448 18.89 -3.39 18.31
N ASN B 449 19.05 -4.00 19.50
CA ASN B 449 18.00 -4.05 20.50
C ASN B 449 18.51 -3.60 21.85
N GLU B 450 19.71 -3.00 21.87
CA GLU B 450 20.34 -2.57 23.10
C GLU B 450 20.24 -1.04 23.19
N PRO B 451 19.40 -0.48 24.08
CA PRO B 451 19.03 0.92 23.98
C PRO B 451 20.17 1.90 24.23
N LEU B 452 21.17 1.51 25.03
CA LEU B 452 22.24 2.44 25.37
C LEU B 452 23.03 2.79 24.11
N GLN B 453 23.56 1.78 23.42
CA GLN B 453 24.25 2.00 22.16
C GLN B 453 23.38 2.63 21.08
N GLN B 454 22.12 2.21 20.99
CA GLN B 454 21.23 2.73 19.97
C GLN B 454 21.17 4.27 20.08
N ARG B 455 20.98 4.75 21.31
CA ARG B 455 20.93 6.16 21.60
C ARG B 455 22.25 6.82 21.20
N LYS B 456 23.37 6.19 21.55
CA LYS B 456 24.67 6.72 21.19
C LYS B 456 24.78 6.88 19.67
N PHE B 457 24.36 5.85 18.92
CA PHE B 457 24.52 5.89 17.48
C PHE B 457 23.58 6.95 16.90
N PHE B 458 22.41 7.18 17.53
CA PHE B 458 21.53 8.25 17.10
C PHE B 458 22.24 9.61 17.29
N GLU B 459 22.88 9.79 18.46
CA GLU B 459 23.57 11.04 18.76
C GLU B 459 24.68 11.29 17.75
N GLN B 460 25.42 10.26 17.36
CA GLN B 460 26.46 10.43 16.36
C GLN B 460 25.85 10.81 15.01
N GLN B 461 24.68 10.25 14.68
CA GLN B 461 24.00 10.60 13.44
C GLN B 461 23.57 12.07 13.45
N ALA B 462 23.05 12.54 14.58
CA ALA B 462 22.62 13.93 14.71
C ALA B 462 23.83 14.87 14.65
N ASP B 463 25.02 14.42 15.10
CA ASP B 463 26.22 15.24 14.99
C ASP B 463 26.63 15.36 13.53
N ALA B 464 26.59 14.24 12.81
CA ALA B 464 26.93 14.24 11.39
C ALA B 464 25.95 15.13 10.63
N LYS B 465 24.66 15.06 11.00
CA LYS B 465 23.64 15.89 10.39
C LYS B 465 23.96 17.37 10.60
N ALA B 466 24.29 17.77 11.84
CA ALA B 466 24.62 19.15 12.15
C ALA B 466 25.86 19.62 11.39
N SER B 467 26.76 18.69 11.05
CA SER B 467 27.98 19.05 10.36
C SER B 467 27.78 18.98 8.84
N GLY B 468 26.54 18.79 8.38
CA GLY B 468 26.19 18.95 6.97
C GLY B 468 25.85 17.65 6.23
N ASP B 469 25.66 16.53 6.94
CA ASP B 469 25.28 15.28 6.28
C ASP B 469 23.76 15.27 6.11
N VAL B 470 23.30 15.52 4.87
CA VAL B 470 21.89 15.71 4.62
C VAL B 470 21.16 14.36 4.65
N GLU B 471 21.92 13.25 4.69
CA GLU B 471 21.32 11.93 4.73
C GLU B 471 21.25 11.38 6.15
N ALA B 472 21.81 12.09 7.14
CA ALA B 472 21.76 11.63 8.52
C ALA B 472 20.46 12.08 9.17
N CYS B 473 19.92 11.21 10.02
CA CYS B 473 18.61 11.42 10.62
C CYS B 473 18.76 11.99 12.03
N PRO B 474 17.75 12.76 12.48
CA PRO B 474 17.65 13.20 13.87
C PRO B 474 17.31 12.07 14.84
N ILE B 475 17.52 12.38 16.13
CA ILE B 475 17.33 11.44 17.22
C ILE B 475 15.85 11.14 17.34
N ASP B 476 15.52 9.87 17.54
CA ASP B 476 14.13 9.49 17.77
C ASP B 476 14.00 8.90 19.17
N GLU B 477 13.60 9.75 20.12
CA GLU B 477 13.41 9.36 21.50
C GLU B 477 12.33 8.31 21.68
N THR B 478 11.21 8.45 20.95
CA THR B 478 10.10 7.51 21.10
C THR B 478 10.58 6.09 20.76
N PHE B 479 11.49 5.97 19.79
CA PHE B 479 12.05 4.68 19.39
C PHE B 479 12.96 4.15 20.49
N CYS B 480 13.80 5.01 21.09
CA CYS B 480 14.67 4.59 22.18
C CYS B 480 13.83 4.09 23.35
N LEU B 481 12.74 4.79 23.67
CA LEU B 481 11.85 4.39 24.74
C LEU B 481 11.20 3.03 24.44
N ALA B 482 10.88 2.80 23.18
CA ALA B 482 10.29 1.53 22.77
C ALA B 482 11.29 0.39 23.00
N LEU B 483 12.56 0.64 22.67
CA LEU B 483 13.63 -0.32 22.91
C LEU B 483 13.78 -0.61 24.39
N GLU B 484 13.49 0.38 25.23
CA GLU B 484 13.58 0.23 26.68
C GLU B 484 12.46 -0.68 27.20
N HIS B 485 11.45 -1.01 26.39
CA HIS B 485 10.40 -1.93 26.80
C HIS B 485 10.71 -3.36 26.34
N GLY B 486 11.81 -3.54 25.59
CA GLY B 486 12.38 -4.85 25.29
C GLY B 486 12.03 -5.35 23.90
N LEU B 487 12.93 -5.11 22.94
CA LEU B 487 12.82 -5.69 21.61
C LEU B 487 13.48 -7.06 21.67
N PRO B 488 12.71 -8.16 21.45
CA PRO B 488 13.31 -9.50 21.33
C PRO B 488 14.42 -9.49 20.31
N PRO B 489 15.37 -10.45 20.36
CA PRO B 489 16.28 -10.67 19.24
C PRO B 489 15.42 -10.80 17.99
N THR B 490 15.80 -10.05 16.95
CA THR B 490 14.94 -9.84 15.78
C THR B 490 15.82 -9.72 14.56
N GLY B 491 15.31 -10.22 13.45
CA GLY B 491 15.89 -9.93 12.15
C GLY B 491 14.90 -9.14 11.29
N GLY B 492 15.41 -8.09 10.61
CA GLY B 492 14.60 -7.26 9.76
C GLY B 492 15.22 -7.09 8.37
N TRP B 493 14.41 -6.68 7.41
CA TRP B 493 14.75 -6.80 6.01
C TRP B 493 13.89 -5.86 5.19
N GLY B 494 14.52 -5.34 4.12
CA GLY B 494 13.87 -4.50 3.13
C GLY B 494 14.23 -4.90 1.71
N LEU B 495 13.24 -4.76 0.82
CA LEU B 495 13.35 -5.10 -0.60
C LEU B 495 12.78 -3.94 -1.40
N GLY B 496 13.49 -3.53 -2.44
CA GLY B 496 12.97 -2.55 -3.38
C GLY B 496 12.21 -3.25 -4.49
N ILE B 497 10.89 -3.09 -4.51
CA ILE B 497 10.05 -3.87 -5.40
C ILE B 497 10.26 -3.42 -6.85
N ASP B 498 10.41 -2.10 -7.07
CA ASP B 498 10.57 -1.57 -8.41
C ASP B 498 11.83 -2.16 -9.05
N ARG B 499 12.93 -2.11 -8.32
CA ARG B 499 14.17 -2.68 -8.83
C ARG B 499 14.03 -4.18 -9.11
N LEU B 500 13.31 -4.89 -8.23
CA LEU B 500 13.04 -6.30 -8.45
C LEU B 500 12.38 -6.52 -9.81
N ILE B 501 11.34 -5.71 -10.11
CA ILE B 501 10.61 -5.84 -11.35
C ILE B 501 11.51 -5.53 -12.54
N MET B 502 12.42 -4.57 -12.39
CA MET B 502 13.40 -4.27 -13.42
C MET B 502 14.14 -5.53 -13.86
N PHE B 503 14.64 -6.34 -12.91
CA PHE B 503 15.38 -7.55 -13.27
C PHE B 503 14.44 -8.62 -13.82
N LEU B 504 13.28 -8.80 -13.19
CA LEU B 504 12.35 -9.82 -13.63
C LEU B 504 11.89 -9.57 -15.07
N ALA B 505 11.64 -8.30 -15.41
CA ALA B 505 11.01 -7.94 -16.67
C ALA B 505 12.04 -7.43 -17.68
N ASP B 506 13.34 -7.44 -17.33
CA ASP B 506 14.41 -6.99 -18.20
C ASP B 506 14.14 -5.57 -18.68
N LYS B 507 14.10 -4.63 -17.73
CA LYS B 507 14.09 -3.20 -18.03
C LYS B 507 15.27 -2.55 -17.35
N ASN B 508 15.87 -1.57 -18.04
CA ASN B 508 17.04 -0.88 -17.52
C ASN B 508 16.68 0.51 -17.04
N ASN B 509 15.38 0.83 -17.00
CA ASN B 509 14.90 2.13 -16.57
C ASN B 509 13.72 1.94 -15.63
N ILE B 510 13.84 2.48 -14.41
CA ILE B 510 12.78 2.34 -13.42
C ILE B 510 11.48 2.97 -13.92
N LYS B 511 11.53 3.88 -14.91
CA LYS B 511 10.33 4.48 -15.46
C LYS B 511 9.49 3.44 -16.19
N GLU B 512 10.08 2.28 -16.53
CA GLU B 512 9.36 1.25 -17.24
C GLU B 512 8.42 0.49 -16.31
N VAL B 513 8.71 0.51 -15.00
CA VAL B 513 8.04 -0.37 -14.05
C VAL B 513 7.18 0.42 -13.07
N ILE B 514 7.10 1.74 -13.27
CA ILE B 514 6.25 2.61 -12.47
C ILE B 514 5.29 3.29 -13.42
N LEU B 515 3.98 3.21 -13.13
CA LEU B 515 2.98 3.71 -14.05
C LEU B 515 3.19 5.19 -14.35
N PHE B 516 3.36 6.01 -13.30
CA PHE B 516 3.45 7.44 -13.51
C PHE B 516 4.73 7.94 -12.85
N PRO B 517 5.90 7.71 -13.49
CA PRO B 517 7.17 8.07 -12.85
C PRO B 517 7.39 9.58 -12.88
N ALA B 518 8.24 10.07 -11.96
CA ALA B 518 8.68 11.45 -11.94
C ALA B 518 9.46 11.75 -13.23
N MET B 519 9.30 12.99 -13.72
CA MET B 519 9.84 13.53 -14.95
C MET B 519 10.29 15.00 -14.73
N ARG B 520 11.23 15.53 -15.53
CA ARG B 520 11.74 16.90 -15.33
C ARG B 520 10.76 18.00 -15.78
N LYS C . -12.12 9.72 -5.27
CA LYS C . -13.36 9.44 -4.51
C LYS C . -13.18 9.89 -3.05
O LYS C . -14.24 10.20 -2.48
CB LYS C . -13.81 7.97 -4.51
CG LYS C . -14.15 7.41 -5.89
CD LYS C . -15.37 8.07 -6.54
CE LYS C . -15.72 7.44 -7.85
NZ LYS C . -14.79 7.87 -8.89
OXT LYS C . -12.01 9.93 -2.54
C1 A1H4W D . -10.19 13.03 6.49
C2 A1H4W D . -11.18 13.25 5.50
C3 A1H4W D . -11.97 12.20 5.07
C4 A1H4W D . -11.79 10.95 5.66
C6 A1H4W D . -10.02 11.80 7.07
C7 A1H4W D . -10.69 9.38 7.25
C8 A1H4W D . -11.58 8.37 6.69
C9 A1H4W D . -12.46 8.69 5.73
C10 A1H4W D . -13.33 7.65 5.11
C11 A1H4W D . -14.90 7.30 3.25
C12 A1H4W D . -14.38 7.64 1.85
C13 A1H4W D . -15.07 6.73 0.85
C14 A1H4W D . -14.56 6.94 -0.58
C15 A1H4W D . -13.06 6.75 -0.63
C16 A1H4W D . -12.38 7.77 0.29
C17 A1H4W D . -12.86 7.60 1.73
O1 A1H4W D . -9.41 14.07 6.95
C5 A1H4W D . -10.86 10.73 6.67
O2 A1H4W D . -9.86 9.12 8.12
O3 A1H4W D . -12.60 9.94 5.18
O4 A1H4W D . -13.08 6.45 5.28
N1 A1H4W D . -14.28 8.09 4.30
O5 A1H4W D . -14.75 8.97 1.54
C TRS E . -19.96 14.19 4.33
C1 TRS E . -19.87 13.89 2.83
C2 TRS E . -21.26 14.90 4.69
C3 TRS E . -19.84 12.91 5.17
N TRS E . -18.83 15.12 4.70
O1 TRS E . -20.81 12.91 2.41
O2 TRS E . -21.56 14.80 6.08
O3 TRS E . -18.78 12.06 4.76
C1 GOL F . -0.30 -1.30 -2.30
O1 GOL F . -0.07 0.07 -2.62
C2 GOL F . 0.99 -2.11 -2.24
O2 GOL F . 1.08 -2.82 -1.00
C3 GOL F . 1.13 -3.10 -3.40
O3 GOL F . 0.12 -4.11 -3.38
C1 GOL G . -1.40 -2.21 0.74
O1 GOL G . -2.55 -2.17 -0.09
C2 GOL G . -1.80 -1.96 2.16
O2 GOL G . -2.17 -0.58 2.26
C3 GOL G . -2.92 -2.88 2.59
O3 GOL G . -2.62 -4.24 2.28
C1 GOL H . 3.26 -11.88 40.64
O1 GOL H . 2.49 -13.06 40.87
C2 GOL H . 3.12 -11.35 39.22
O2 GOL H . 4.27 -11.69 38.46
C3 GOL H . 1.87 -11.79 38.47
O3 GOL H . 1.12 -10.65 38.05
C1 GOL I . -0.29 -11.08 27.96
O1 GOL I . -0.25 -11.78 29.20
C2 GOL I . -1.38 -11.61 27.06
O2 GOL I . -1.94 -12.80 27.62
C3 GOL I . -2.51 -10.64 26.86
O3 GOL I . -1.99 -9.33 26.84
N LYS J . 15.01 0.55 6.62
CA LYS J . 16.00 -0.07 5.70
C LYS J . 16.22 0.77 4.42
O LYS J . 17.26 0.55 3.82
CB LYS J . 15.52 -1.49 5.33
CG LYS J . 15.46 -2.44 6.51
CD LYS J . 16.82 -2.71 7.19
CE LYS J . 16.76 -3.73 8.27
NZ LYS J . 15.99 -3.22 9.40
OXT LYS J . 15.32 1.58 4.03
C1 A1H4W K . 15.89 7.14 -3.79
C2 A1H4W K . 16.73 6.52 -2.86
C3 A1H4W K . 16.81 5.15 -2.78
C4 A1H4W K . 16.04 4.38 -3.65
C6 A1H4W K . 15.14 6.36 -4.65
C7 A1H4W K . 14.41 4.11 -5.50
C8 A1H4W K . 14.58 2.68 -5.28
C9 A1H4W K . 15.42 2.22 -4.35
C10 A1H4W K . 15.65 0.78 -4.04
C11 A1H4W K . 16.73 -0.70 -2.42
C12 A1H4W K . 16.42 -0.49 -0.93
C13 A1H4W K . 16.52 -1.83 -0.21
C14 A1H4W K . 16.02 -1.79 1.22
C15 A1H4W K . 14.59 -1.27 1.25
C16 A1H4W K . 14.51 0.12 0.64
C17 A1H4W K . 15.03 0.11 -0.79
O1 A1H4W K . 15.79 8.49 -3.91
C5 A1H4W K . 15.19 4.96 -4.58
O2 A1H4W K . 13.68 4.58 -6.38
O3 A1H4W K . 16.16 3.02 -3.54
O4 A1H4W K . 14.90 -0.08 -4.50
N1 A1H4W K . 16.63 0.52 -3.18
O5 A1H4W K . 17.43 0.35 -0.36
C TRS L . 24.81 2.33 -2.13
C1 TRS L . 24.55 1.83 -0.71
C2 TRS L . 26.29 2.40 -2.43
C3 TRS L . 24.09 1.44 -3.15
N TRS L . 24.26 3.73 -2.24
O1 TRS L . 24.72 0.43 -0.58
O2 TRS L . 26.57 2.58 -3.83
O3 TRS L . 22.68 1.62 -3.18
C1 GOL M . 9.24 6.60 13.66
O1 GOL M . 9.63 7.72 12.85
C2 GOL M . 9.01 6.94 15.12
O2 GOL M . 8.96 8.35 15.33
C3 GOL M . 7.75 6.30 15.69
O3 GOL M . 7.66 6.36 17.12
#